data_4UA2
#
_entry.id   4UA2
#
_cell.length_a   80.542
_cell.length_b   94.806
_cell.length_c   87.060
_cell.angle_alpha   90.00
_cell.angle_beta   101.83
_cell.angle_gamma   90.00
#
_symmetry.space_group_name_H-M   'P 1 21 1'
#
loop_
_entity.id
_entity.type
_entity.pdbx_description
1 polymer 'Regulatory protein'
2 water water
#
_entity_poly.entity_id   1
_entity_poly.type   'polypeptide(L)'
_entity_poly.pdbx_seq_one_letter_code
;(MSE)KFRIGELADKCGVNKETIRYYERLGLIPEPERTEKGYR(MSE)YSQQTVDRLHFIKR(MSE)QELGFTLNEIDKL
LGVVDRDEAKCRD(MSE)YDFTILKIEDIQRKIEDLKRIER(MSE)L(MSE)DLKERCPENKDIYECPIIETL(MSE)KK
;
_entity_poly.pdbx_strand_id   A,G,E,C,F,B,D,H
#
# COMPACT_ATOMS: atom_id res chain seq x y z
N ARG A 4 -15.09 39.90 -10.75
CA ARG A 4 -14.02 38.91 -10.84
C ARG A 4 -14.58 37.55 -11.24
N ILE A 5 -15.80 37.54 -11.78
CA ILE A 5 -16.45 36.30 -12.16
C ILE A 5 -15.75 35.65 -13.36
N GLY A 6 -15.20 36.48 -14.24
CA GLY A 6 -14.52 35.98 -15.42
C GLY A 6 -13.22 35.29 -15.10
N GLU A 7 -12.41 35.92 -14.25
CA GLU A 7 -11.13 35.36 -13.83
C GLU A 7 -11.33 34.09 -13.01
N LEU A 8 -12.36 34.10 -12.17
CA LEU A 8 -12.71 32.93 -11.37
C LEU A 8 -13.20 31.81 -12.28
N ALA A 9 -13.86 32.19 -13.37
CA ALA A 9 -14.34 31.23 -14.34
C ALA A 9 -13.18 30.61 -15.12
N ASP A 10 -12.15 31.40 -15.36
CA ASP A 10 -10.97 30.92 -16.09
C ASP A 10 -9.98 30.17 -15.21
N LYS A 11 -10.06 30.39 -13.90
CA LYS A 11 -9.07 29.87 -12.97
C LYS A 11 -9.25 28.40 -12.60
N CYS A 12 -10.50 27.95 -12.52
CA CYS A 12 -10.78 26.61 -12.02
C CYS A 12 -10.66 25.50 -13.11
N GLY A 13 -11.46 25.51 -14.18
CA GLY A 13 -12.39 26.58 -14.54
C GLY A 13 -13.57 26.10 -15.35
N VAL A 14 -14.66 26.85 -15.27
CA VAL A 14 -15.88 26.56 -16.00
C VAL A 14 -16.50 27.85 -16.51
N ASN A 15 -17.48 27.76 -17.39
CA ASN A 15 -18.13 28.95 -17.92
C ASN A 15 -18.95 29.68 -16.85
N LYS A 16 -19.22 30.96 -17.09
CA LYS A 16 -19.95 31.77 -16.14
C LYS A 16 -21.38 31.27 -15.92
N GLU A 17 -21.91 30.58 -16.93
CA GLU A 17 -23.26 30.04 -16.86
C GLU A 17 -23.40 29.01 -15.74
N THR A 18 -22.41 28.12 -15.63
CA THR A 18 -22.43 27.10 -14.60
C THR A 18 -22.07 27.66 -13.23
N ILE A 19 -21.32 28.76 -13.21
CA ILE A 19 -21.02 29.45 -11.96
C ILE A 19 -22.29 30.08 -11.39
N ARG A 20 -23.02 30.79 -12.25
CA ARG A 20 -24.30 31.36 -11.86
C ARG A 20 -25.31 30.26 -11.54
N TYR A 21 -25.14 29.12 -12.20
CA TYR A 21 -25.99 27.96 -11.95
C TYR A 21 -25.76 27.40 -10.55
N TYR A 22 -24.50 27.32 -10.15
CA TYR A 22 -24.15 26.85 -8.81
C TYR A 22 -24.54 27.88 -7.76
N GLU A 23 -24.47 29.15 -8.14
CA GLU A 23 -24.88 30.23 -7.25
C GLU A 23 -26.38 30.18 -7.02
N ARG A 24 -27.12 29.77 -8.05
CA ARG A 24 -28.57 29.64 -7.96
C ARG A 24 -28.95 28.40 -7.17
N LEU A 25 -28.22 27.31 -7.37
CA LEU A 25 -28.47 26.08 -6.64
C LEU A 25 -28.12 26.20 -5.16
N GLY A 26 -27.21 27.12 -4.86
CA GLY A 26 -26.76 27.34 -3.49
C GLY A 26 -25.50 26.58 -3.17
N LEU A 27 -24.84 26.07 -4.21
CA LEU A 27 -23.59 25.35 -4.04
C LEU A 27 -22.46 26.30 -3.64
N ILE A 28 -22.53 27.53 -4.14
CA ILE A 28 -21.58 28.56 -3.76
C ILE A 28 -22.32 29.77 -3.20
N PRO A 29 -21.74 30.41 -2.16
CA PRO A 29 -22.39 31.54 -1.49
C PRO A 29 -22.39 32.80 -2.34
N GLU A 30 -23.26 33.76 -1.98
CA GLU A 30 -23.34 35.03 -2.67
C GLU A 30 -22.11 35.88 -2.38
N PRO A 31 -21.41 36.32 -3.44
CA PRO A 31 -20.18 37.11 -3.31
C PRO A 31 -20.45 38.55 -2.87
N GLU A 32 -19.45 39.17 -2.24
CA GLU A 32 -19.56 40.55 -1.79
C GLU A 32 -19.56 41.50 -2.98
N ARG A 33 -20.08 42.71 -2.77
CA ARG A 33 -20.12 43.71 -3.84
C ARG A 33 -19.28 44.93 -3.49
N MSE A 40 -15.34 40.61 -5.00
CA MSE A 40 -16.27 39.51 -5.22
C MSE A 40 -15.52 38.22 -5.56
O MSE A 40 -14.45 38.28 -6.17
CB MSE A 40 -17.27 39.86 -6.31
CG MSE A 40 -16.72 40.77 -7.41
SE MSE A 40 -18.10 41.38 -8.65
CE MSE A 40 -19.10 39.72 -8.83
N TYR A 41 -16.08 37.09 -5.18
CA TYR A 41 -15.50 35.77 -5.48
C TYR A 41 -14.08 35.58 -4.94
N SER A 42 -13.98 35.40 -3.63
CA SER A 42 -12.70 35.20 -2.97
C SER A 42 -12.08 33.83 -3.31
N GLN A 43 -10.91 33.57 -2.73
CA GLN A 43 -10.17 32.33 -3.01
C GLN A 43 -10.92 31.09 -2.55
N GLN A 44 -11.64 31.22 -1.44
CA GLN A 44 -12.47 30.13 -0.93
C GLN A 44 -13.50 29.68 -1.96
N THR A 45 -14.04 30.64 -2.70
CA THR A 45 -15.00 30.34 -3.75
C THR A 45 -14.33 29.53 -4.85
N VAL A 46 -13.06 29.83 -5.11
CA VAL A 46 -12.30 29.11 -6.11
C VAL A 46 -12.06 27.66 -5.68
N ASP A 47 -11.63 27.48 -4.44
CA ASP A 47 -11.39 26.14 -3.91
C ASP A 47 -12.68 25.32 -3.87
N ARG A 48 -13.77 25.97 -3.47
CA ARG A 48 -15.08 25.33 -3.38
C ARG A 48 -15.57 24.92 -4.77
N LEU A 49 -15.41 25.81 -5.73
CA LEU A 49 -15.81 25.54 -7.11
C LEU A 49 -15.00 24.38 -7.70
N HIS A 50 -13.71 24.38 -7.42
CA HIS A 50 -12.84 23.28 -7.85
C HIS A 50 -13.31 21.97 -7.23
N PHE A 51 -13.70 22.05 -5.95
CA PHE A 51 -14.24 20.89 -5.25
C PHE A 51 -15.46 20.35 -5.97
N ILE A 52 -16.45 21.21 -6.19
CA ILE A 52 -17.68 20.82 -6.89
C ILE A 52 -17.39 20.19 -8.26
N LYS A 53 -16.54 20.86 -9.03
CA LYS A 53 -16.19 20.40 -10.36
C LYS A 53 -15.55 19.01 -10.35
N ARG A 54 -14.50 18.84 -9.56
CA ARG A 54 -13.78 17.57 -9.51
C ARG A 54 -14.65 16.45 -8.96
N MSE A 55 -15.41 16.74 -7.91
CA MSE A 55 -16.34 15.78 -7.34
C MSE A 55 -17.35 15.32 -8.38
O MSE A 55 -17.67 14.13 -8.47
CB MSE A 55 -17.08 16.38 -6.14
CG MSE A 55 -16.23 16.52 -4.90
SE MSE A 55 -15.72 14.81 -4.13
CE MSE A 55 -17.46 14.26 -3.45
N GLN A 56 -17.83 16.27 -9.19
CA GLN A 56 -18.76 15.94 -10.26
C GLN A 56 -18.08 15.13 -11.36
N GLU A 57 -16.78 15.35 -11.53
CA GLU A 57 -16.01 14.60 -12.52
C GLU A 57 -15.76 13.16 -12.07
N LEU A 58 -15.77 12.94 -10.76
CA LEU A 58 -15.47 11.63 -10.22
C LEU A 58 -16.72 10.78 -9.98
N GLY A 59 -17.87 11.29 -10.44
CA GLY A 59 -19.10 10.51 -10.42
C GLY A 59 -20.13 10.88 -9.38
N PHE A 60 -19.83 11.93 -8.60
CA PHE A 60 -20.76 12.39 -7.57
C PHE A 60 -21.83 13.31 -8.16
N THR A 61 -23.06 13.15 -7.70
CA THR A 61 -24.17 14.00 -8.12
C THR A 61 -24.15 15.34 -7.38
N LEU A 62 -24.76 16.35 -7.98
CA LEU A 62 -24.84 17.69 -7.38
C LEU A 62 -25.51 17.67 -6.00
N ASN A 63 -26.47 16.76 -5.83
CA ASN A 63 -27.16 16.62 -4.54
C ASN A 63 -26.23 16.14 -3.44
N GLU A 64 -25.43 15.13 -3.75
CA GLU A 64 -24.45 14.58 -2.80
C GLU A 64 -23.41 15.64 -2.44
N ILE A 65 -22.91 16.33 -3.46
CA ILE A 65 -21.95 17.42 -3.27
C ILE A 65 -22.55 18.50 -2.37
N ASP A 66 -23.82 18.81 -2.58
CA ASP A 66 -24.51 19.78 -1.75
C ASP A 66 -24.60 19.31 -0.30
N LYS A 67 -24.90 18.02 -0.13
CA LYS A 67 -24.98 17.43 1.21
C LYS A 67 -23.64 17.53 1.93
N LEU A 68 -22.56 17.31 1.20
CA LEU A 68 -21.22 17.42 1.76
C LEU A 68 -20.87 18.87 2.10
N LEU A 69 -21.24 19.79 1.21
CA LEU A 69 -20.97 21.21 1.43
C LEU A 69 -21.82 21.76 2.57
N GLY A 70 -22.85 21.02 2.94
CA GLY A 70 -23.66 21.36 4.10
C GLY A 70 -22.84 21.30 5.38
N VAL A 71 -21.91 20.36 5.42
CA VAL A 71 -21.01 20.21 6.56
C VAL A 71 -20.10 21.43 6.69
N VAL A 72 -19.62 21.92 5.55
CA VAL A 72 -18.77 23.10 5.51
C VAL A 72 -19.51 24.34 6.01
N ASP A 73 -20.76 24.49 5.56
CA ASP A 73 -21.56 25.65 5.92
C ASP A 73 -22.28 25.46 7.25
N ARG A 74 -22.04 24.32 7.88
CA ARG A 74 -22.66 23.96 9.16
C ARG A 74 -24.19 24.02 9.08
N ASP A 75 -24.74 23.43 8.03
CA ASP A 75 -26.18 23.34 7.87
C ASP A 75 -26.66 22.02 8.47
N GLU A 76 -27.38 22.11 9.58
CA GLU A 76 -27.78 20.92 10.33
C GLU A 76 -28.82 20.11 9.57
N ALA A 77 -29.63 20.79 8.78
CA ALA A 77 -30.72 20.15 8.05
C ALA A 77 -30.21 19.13 7.03
N LYS A 78 -29.29 19.55 6.17
CA LYS A 78 -28.80 18.68 5.10
C LYS A 78 -27.67 17.77 5.57
N CYS A 79 -27.31 17.87 6.84
CA CYS A 79 -26.33 16.98 7.44
C CYS A 79 -27.00 15.79 8.13
N ARG A 80 -28.33 15.73 8.02
CA ARG A 80 -29.09 14.64 8.64
C ARG A 80 -28.78 13.30 7.97
N ASP A 81 -28.68 12.26 8.79
CA ASP A 81 -28.40 10.90 8.33
C ASP A 81 -27.13 10.82 7.49
N MSE A 82 -26.03 11.32 8.04
CA MSE A 82 -24.74 11.33 7.34
C MSE A 82 -24.03 9.98 7.38
O MSE A 82 -23.22 9.68 6.51
CB MSE A 82 -23.84 12.42 7.95
CG MSE A 82 -23.85 13.73 7.17
SE MSE A 82 -22.82 13.57 5.52
CE MSE A 82 -21.17 12.96 6.32
N TYR A 83 -24.35 9.18 8.41
CA TYR A 83 -23.71 7.89 8.61
C TYR A 83 -23.96 6.94 7.43
N ASP A 84 -25.23 6.71 7.13
CA ASP A 84 -25.63 5.84 6.03
C ASP A 84 -25.07 6.34 4.70
N PHE A 85 -25.12 7.66 4.52
CA PHE A 85 -24.57 8.30 3.33
C PHE A 85 -23.10 7.95 3.15
N THR A 86 -22.32 8.16 4.21
CA THR A 86 -20.90 7.83 4.20
C THR A 86 -20.69 6.35 3.88
N ILE A 87 -21.47 5.48 4.50
CA ILE A 87 -21.34 4.04 4.24
C ILE A 87 -21.54 3.69 2.77
N LEU A 88 -22.66 4.17 2.20
CA LEU A 88 -22.96 3.94 0.79
C LEU A 88 -21.84 4.44 -0.12
N LYS A 89 -21.48 5.70 0.06
CA LYS A 89 -20.46 6.31 -0.79
C LYS A 89 -19.11 5.60 -0.67
N ILE A 90 -18.78 5.15 0.55
CA ILE A 90 -17.54 4.43 0.79
C ILE A 90 -17.53 3.10 0.05
N GLU A 91 -18.65 2.38 0.10
CA GLU A 91 -18.78 1.13 -0.66
C GLU A 91 -18.56 1.38 -2.15
N ASP A 92 -19.35 2.31 -2.69
CA ASP A 92 -19.27 2.67 -4.11
C ASP A 92 -17.84 2.98 -4.53
N ILE A 93 -17.22 3.90 -3.80
CA ILE A 93 -15.90 4.41 -4.16
C ILE A 93 -14.83 3.35 -3.96
N GLN A 94 -15.05 2.42 -3.03
CA GLN A 94 -14.10 1.34 -2.81
C GLN A 94 -14.10 0.40 -4.01
N ARG A 95 -15.29 -0.02 -4.41
CA ARG A 95 -15.41 -0.90 -5.59
C ARG A 95 -14.82 -0.22 -6.83
N LYS A 96 -15.13 1.06 -7.00
CA LYS A 96 -14.60 1.85 -8.11
C LYS A 96 -13.08 1.87 -8.09
N ILE A 97 -12.49 2.11 -6.92
CA ILE A 97 -11.04 2.13 -6.76
C ILE A 97 -10.42 0.78 -7.14
N GLU A 98 -11.01 -0.30 -6.65
CA GLU A 98 -10.51 -1.65 -6.98
C GLU A 98 -10.51 -1.89 -8.49
N ASP A 99 -11.65 -1.60 -9.11
CA ASP A 99 -11.77 -1.74 -10.56
C ASP A 99 -10.69 -0.95 -11.29
N LEU A 100 -10.56 0.32 -10.95
CA LEU A 100 -9.58 1.19 -11.59
C LEU A 100 -8.15 0.70 -11.39
N LYS A 101 -7.86 0.12 -10.22
CA LYS A 101 -6.53 -0.41 -9.96
C LYS A 101 -6.23 -1.60 -10.86
N ARG A 102 -7.18 -2.53 -10.95
CA ARG A 102 -7.01 -3.68 -11.82
C ARG A 102 -6.82 -3.24 -13.28
N ILE A 103 -7.64 -2.28 -13.71
CA ILE A 103 -7.55 -1.74 -15.06
C ILE A 103 -6.18 -1.10 -15.31
N GLU A 104 -5.66 -0.42 -14.29
CA GLU A 104 -4.35 0.21 -14.40
C GLU A 104 -3.25 -0.83 -14.56
N ARG A 105 -3.31 -1.88 -13.76
CA ARG A 105 -2.33 -2.97 -13.87
C ARG A 105 -2.42 -3.64 -15.23
N MSE A 106 -3.63 -3.71 -15.77
CA MSE A 106 -3.84 -4.26 -17.11
C MSE A 106 -3.19 -3.37 -18.17
O MSE A 106 -2.53 -3.87 -19.08
CB MSE A 106 -5.33 -4.42 -17.40
CG MSE A 106 -5.65 -5.04 -18.74
SE MSE A 106 -7.03 -4.06 -19.71
CE MSE A 106 -5.94 -2.59 -20.37
N LEU A 107 -3.38 -2.07 -18.02
CA LEU A 107 -2.80 -1.09 -18.95
C LEU A 107 -1.27 -1.12 -18.92
N MSE A 108 -0.71 -1.24 -17.72
CA MSE A 108 0.74 -1.37 -17.58
C MSE A 108 1.23 -2.65 -18.25
O MSE A 108 2.19 -2.63 -19.02
CB MSE A 108 1.13 -1.35 -16.10
CG MSE A 108 0.90 -0.01 -15.42
SE MSE A 108 1.20 -0.07 -13.50
CE MSE A 108 0.89 1.81 -13.09
N ASP A 109 0.56 -3.75 -17.94
CA ASP A 109 0.87 -5.05 -18.54
C ASP A 109 0.86 -4.97 -20.06
N LEU A 110 -0.08 -4.20 -20.60
CA LEU A 110 -0.18 -4.00 -22.04
C LEU A 110 0.96 -3.12 -22.54
N LYS A 111 1.40 -2.19 -21.71
CA LYS A 111 2.48 -1.27 -22.08
C LYS A 111 3.82 -2.00 -22.17
N GLU A 112 4.05 -2.94 -21.25
CA GLU A 112 5.30 -3.70 -21.24
C GLU A 112 5.50 -4.53 -22.50
N ARG A 113 4.39 -4.96 -23.10
CA ARG A 113 4.43 -5.82 -24.28
C ARG A 113 4.79 -5.04 -25.54
N CYS A 114 4.80 -3.70 -25.42
CA CYS A 114 5.20 -2.85 -26.51
C CYS A 114 6.72 -2.71 -26.56
N PRO A 115 7.30 -2.70 -27.78
CA PRO A 115 8.74 -2.54 -27.96
C PRO A 115 9.27 -1.24 -27.35
N GLU A 116 8.52 -0.17 -27.51
CA GLU A 116 8.93 1.16 -27.03
C GLU A 116 9.21 1.18 -25.53
N ASN A 117 8.65 0.21 -24.81
CA ASN A 117 8.83 0.12 -23.38
C ASN A 117 10.28 -0.21 -22.99
N LYS A 118 11.03 -0.75 -23.94
CA LYS A 118 12.44 -1.06 -23.70
C LYS A 118 13.36 0.09 -24.12
N ASP A 119 12.79 1.08 -24.80
CA ASP A 119 13.58 2.20 -25.32
C ASP A 119 13.66 3.34 -24.31
N ILE A 120 14.88 3.82 -24.07
CA ILE A 120 15.11 4.87 -23.08
C ILE A 120 14.46 6.19 -23.49
N TYR A 121 14.59 6.56 -24.76
CA TYR A 121 14.07 7.83 -25.25
C TYR A 121 12.53 7.85 -25.27
N GLU A 122 11.93 6.67 -25.11
CA GLU A 122 10.48 6.55 -25.12
C GLU A 122 9.88 6.60 -23.71
N CYS A 123 10.75 6.80 -22.71
CA CYS A 123 10.30 6.87 -21.33
C CYS A 123 9.49 8.14 -21.07
N PRO A 124 8.32 7.99 -20.43
CA PRO A 124 7.39 9.09 -20.13
C PRO A 124 7.86 9.98 -18.97
N ILE A 125 8.73 10.95 -19.28
CA ILE A 125 9.28 11.83 -18.27
C ILE A 125 8.27 12.90 -17.79
N ILE A 126 7.91 13.81 -18.68
CA ILE A 126 7.05 14.94 -18.34
C ILE A 126 5.67 14.51 -17.86
N GLU A 127 5.09 13.53 -18.55
CA GLU A 127 3.73 13.07 -18.29
C GLU A 127 3.52 12.65 -16.85
N THR A 128 4.60 12.38 -16.15
CA THR A 128 4.56 12.04 -14.73
C THR A 128 3.88 13.12 -13.90
N LEU A 129 4.26 14.38 -14.12
CA LEU A 129 3.77 15.45 -13.25
C LEU A 129 2.58 16.23 -13.80
N MSE A 130 2.06 15.83 -14.96
CA MSE A 130 0.91 16.50 -15.54
C MSE A 130 -0.33 16.37 -14.66
O MSE A 130 -1.21 15.57 -14.93
CB MSE A 130 0.61 15.94 -16.93
CG MSE A 130 1.64 16.29 -17.98
SE MSE A 130 1.25 15.48 -19.71
CE MSE A 130 -0.57 16.14 -19.95
N LEU B 8 5.95 34.38 -25.11
CA LEU B 8 6.15 33.90 -23.76
C LEU B 8 5.09 34.45 -22.81
N ALA B 9 4.33 35.43 -23.30
CA ALA B 9 3.31 36.11 -22.49
C ALA B 9 2.19 35.17 -22.07
N ASP B 10 1.58 34.50 -23.05
CA ASP B 10 0.48 33.57 -22.77
C ASP B 10 0.99 32.30 -22.12
N LYS B 11 2.20 31.88 -22.49
CA LYS B 11 2.82 30.71 -21.87
C LYS B 11 2.88 30.93 -20.37
N CYS B 12 3.56 32.00 -19.98
CA CYS B 12 3.70 32.33 -18.56
C CYS B 12 2.35 32.74 -17.98
N GLY B 13 1.41 33.07 -18.86
CA GLY B 13 0.06 33.36 -18.42
C GLY B 13 -0.57 32.10 -17.86
N VAL B 14 -0.27 30.98 -18.51
CA VAL B 14 -0.78 29.69 -18.04
C VAL B 14 0.01 29.12 -16.86
N ASN B 15 1.35 29.10 -16.95
CA ASN B 15 2.13 28.43 -15.88
C ASN B 15 2.74 29.36 -14.82
N LYS B 16 2.43 30.66 -14.92
CA LYS B 16 2.81 31.64 -13.90
C LYS B 16 4.31 31.69 -13.61
N GLU B 17 5.13 31.88 -14.65
CA GLU B 17 6.57 32.01 -14.47
C GLU B 17 7.05 33.38 -14.96
N THR B 18 7.50 34.21 -14.02
CA THR B 18 7.92 35.58 -14.34
C THR B 18 9.02 35.62 -15.39
N ILE B 19 10.20 35.14 -15.02
CA ILE B 19 11.34 35.12 -15.94
C ILE B 19 11.69 33.70 -16.33
N ARG B 20 11.95 33.48 -17.62
CA ARG B 20 12.41 32.19 -18.06
C ARG B 20 13.92 32.24 -18.33
N TYR B 21 14.67 31.64 -17.42
CA TYR B 21 16.12 31.54 -17.53
C TYR B 21 16.47 30.25 -18.24
N TYR B 22 15.42 29.48 -18.52
CA TYR B 22 15.55 28.09 -18.95
C TYR B 22 15.88 27.99 -20.44
N GLU B 23 15.63 29.05 -21.18
CA GLU B 23 15.93 29.09 -22.61
C GLU B 23 17.43 29.06 -22.85
N ARG B 24 18.17 29.74 -22.00
CA ARG B 24 19.63 29.81 -22.13
C ARG B 24 20.30 28.53 -21.62
N LEU B 25 19.72 27.93 -20.59
CA LEU B 25 20.28 26.72 -20.00
C LEU B 25 19.92 25.48 -20.82
N GLY B 26 19.00 25.64 -21.76
CA GLY B 26 18.59 24.54 -22.62
C GLY B 26 17.53 23.65 -21.99
N LEU B 27 16.93 24.14 -20.90
CA LEU B 27 15.85 23.43 -20.25
C LEU B 27 14.59 23.46 -21.12
N ILE B 28 14.53 24.47 -21.98
CA ILE B 28 13.44 24.62 -22.94
C ILE B 28 14.04 24.70 -24.33
N PRO B 29 13.41 24.04 -25.32
CA PRO B 29 13.93 24.14 -26.69
C PRO B 29 13.84 25.57 -27.22
N GLU B 30 14.83 25.98 -28.00
CA GLU B 30 14.76 27.25 -28.70
C GLU B 30 13.55 27.21 -29.64
N PRO B 31 12.61 28.16 -29.46
CA PRO B 31 11.35 28.12 -30.22
C PRO B 31 11.53 28.53 -31.68
N MSE B 40 7.39 30.88 -26.24
CA MSE B 40 7.19 29.49 -26.66
C MSE B 40 5.77 29.01 -26.36
O MSE B 40 5.43 28.68 -25.23
CB MSE B 40 8.21 28.58 -25.97
N TYR B 41 4.94 28.97 -27.41
CA TYR B 41 3.54 28.54 -27.29
C TYR B 41 3.37 27.05 -27.62
N SER B 42 4.48 26.33 -27.76
CA SER B 42 4.44 24.93 -28.20
C SER B 42 3.45 24.06 -27.42
N GLN B 43 3.09 24.50 -26.22
CA GLN B 43 2.10 23.86 -25.34
C GLN B 43 2.63 22.55 -24.77
N GLN B 44 3.68 22.02 -25.37
CA GLN B 44 4.47 20.97 -24.76
C GLN B 44 5.39 21.67 -23.78
N THR B 45 5.65 22.95 -24.08
CA THR B 45 6.45 23.82 -23.23
C THR B 45 5.69 24.13 -21.94
N VAL B 46 4.37 24.07 -22.00
CA VAL B 46 3.54 24.30 -20.81
C VAL B 46 3.72 23.16 -19.82
N ASP B 47 3.54 21.93 -20.31
CA ASP B 47 3.74 20.74 -19.49
C ASP B 47 5.19 20.62 -19.04
N ARG B 48 6.11 21.07 -19.90
CA ARG B 48 7.53 21.01 -19.61
C ARG B 48 7.90 21.98 -18.49
N LEU B 49 7.36 23.19 -18.57
CA LEU B 49 7.62 24.22 -17.57
C LEU B 49 6.96 23.88 -16.23
N HIS B 50 5.76 23.31 -16.30
CA HIS B 50 5.09 22.83 -15.09
C HIS B 50 5.91 21.71 -14.47
N PHE B 51 6.46 20.84 -15.32
CA PHE B 51 7.33 19.76 -14.88
C PHE B 51 8.53 20.33 -14.13
N ILE B 52 9.24 21.27 -14.76
CA ILE B 52 10.40 21.90 -14.15
C ILE B 52 10.07 22.53 -12.80
N LYS B 53 9.00 23.32 -12.77
CA LYS B 53 8.57 24.02 -11.56
C LYS B 53 8.25 23.05 -10.42
N ARG B 54 7.44 22.04 -10.72
CA ARG B 54 7.03 21.08 -9.70
C ARG B 54 8.20 20.24 -9.21
N MSE B 55 9.07 19.83 -10.13
CA MSE B 55 10.28 19.09 -9.80
C MSE B 55 11.15 19.92 -8.86
O MSE B 55 11.74 19.40 -7.92
CB MSE B 55 11.07 18.71 -11.05
CG MSE B 55 10.44 17.62 -11.89
SE MSE B 55 10.52 15.86 -11.08
CE MSE B 55 12.38 15.44 -11.44
N GLN B 56 11.23 21.21 -9.14
CA GLN B 56 12.02 22.13 -8.33
C GLN B 56 11.36 22.31 -6.96
N GLU B 57 10.04 22.18 -6.92
CA GLU B 57 9.30 22.28 -5.66
C GLU B 57 9.47 21.03 -4.82
N LEU B 58 9.76 19.91 -5.48
CA LEU B 58 9.86 18.62 -4.81
C LEU B 58 11.29 18.29 -4.40
N GLY B 59 12.20 19.23 -4.60
CA GLY B 59 13.56 19.08 -4.12
C GLY B 59 14.64 18.86 -5.18
N PHE B 60 14.23 18.68 -6.43
CA PHE B 60 15.19 18.45 -7.51
C PHE B 60 15.92 19.73 -7.92
N THR B 61 17.23 19.61 -8.10
CA THR B 61 18.05 20.72 -8.61
C THR B 61 17.83 20.89 -10.11
N LEU B 62 18.17 22.07 -10.63
CA LEU B 62 17.98 22.37 -12.04
C LEU B 62 18.80 21.46 -12.96
N ASN B 63 20.02 21.13 -12.54
CA ASN B 63 20.89 20.27 -13.33
C ASN B 63 20.32 18.86 -13.49
N GLU B 64 19.72 18.36 -12.42
CA GLU B 64 19.07 17.05 -12.44
C GLU B 64 17.89 17.05 -13.41
N ILE B 65 17.13 18.14 -13.39
CA ILE B 65 16.00 18.31 -14.28
C ILE B 65 16.46 18.36 -15.73
N ASP B 66 17.59 19.03 -15.96
CA ASP B 66 18.19 19.09 -17.30
C ASP B 66 18.59 17.70 -17.77
N LYS B 67 19.26 16.98 -16.88
CA LYS B 67 19.71 15.62 -17.16
C LYS B 67 18.55 14.70 -17.53
N LEU B 68 17.45 14.83 -16.79
CA LEU B 68 16.26 14.03 -17.08
C LEU B 68 15.59 14.47 -18.37
N LEU B 69 15.61 15.77 -18.64
CA LEU B 69 15.02 16.30 -19.87
C LEU B 69 15.87 15.96 -21.08
N GLY B 70 17.08 15.46 -20.83
CA GLY B 70 17.92 14.95 -21.90
C GLY B 70 17.28 13.75 -22.57
N VAL B 71 16.51 12.99 -21.81
CA VAL B 71 15.77 11.85 -22.33
C VAL B 71 14.71 12.31 -23.33
N VAL B 72 14.04 13.40 -23.00
CA VAL B 72 13.01 13.96 -23.85
C VAL B 72 13.59 14.52 -25.15
N ASP B 73 14.74 15.16 -25.04
CA ASP B 73 15.36 15.83 -26.18
C ASP B 73 16.28 14.90 -26.95
N ARG B 74 16.31 13.63 -26.55
CA ARG B 74 17.15 12.61 -27.18
C ARG B 74 18.62 13.01 -27.19
N ASP B 75 19.10 13.51 -26.05
CA ASP B 75 20.49 13.91 -25.93
C ASP B 75 21.31 12.74 -25.37
N GLU B 76 22.17 12.18 -26.22
CA GLU B 76 22.95 11.01 -25.85
C GLU B 76 24.03 11.36 -24.84
N ALA B 77 24.51 12.60 -24.90
CA ALA B 77 25.58 13.06 -24.03
C ALA B 77 25.16 13.05 -22.56
N LYS B 78 24.00 13.64 -22.27
CA LYS B 78 23.51 13.70 -20.90
C LYS B 78 22.62 12.52 -20.56
N CYS B 79 22.44 11.61 -21.51
CA CYS B 79 21.81 10.34 -21.21
C CYS B 79 22.82 9.42 -20.55
N ARG B 80 24.09 9.80 -20.67
CA ARG B 80 25.16 9.30 -19.80
C ARG B 80 25.19 7.74 -19.82
N ASP B 81 25.37 6.88 -18.77
CA ASP B 81 25.44 7.01 -17.30
C ASP B 81 24.15 7.57 -16.66
N MSE B 82 23.02 7.21 -17.23
CA MSE B 82 21.72 7.52 -16.64
C MSE B 82 21.41 6.55 -15.52
O MSE B 82 20.67 6.86 -14.59
CB MSE B 82 20.61 7.48 -17.70
CG MSE B 82 19.24 7.91 -17.20
SE MSE B 82 19.14 9.78 -16.68
CE MSE B 82 19.40 10.60 -18.43
N TYR B 83 22.01 5.36 -15.61
CA TYR B 83 21.79 4.28 -14.66
C TYR B 83 22.16 4.68 -13.23
N ASP B 84 23.40 5.13 -13.05
CA ASP B 84 23.88 5.57 -11.74
C ASP B 84 23.01 6.68 -11.16
N PHE B 85 22.70 7.65 -12.01
CA PHE B 85 21.86 8.78 -11.64
C PHE B 85 20.51 8.30 -11.11
N THR B 86 19.89 7.40 -11.85
CA THR B 86 18.60 6.84 -11.44
C THR B 86 18.73 6.09 -10.12
N ILE B 87 19.82 5.36 -9.93
CA ILE B 87 20.04 4.65 -8.66
C ILE B 87 20.07 5.61 -7.47
N LEU B 88 20.98 6.59 -7.54
CA LEU B 88 21.15 7.57 -6.47
C LEU B 88 19.84 8.32 -6.19
N LYS B 89 19.20 8.80 -7.25
CA LYS B 89 17.97 9.57 -7.11
C LYS B 89 16.82 8.72 -6.56
N ILE B 90 16.79 7.45 -6.92
CA ILE B 90 15.78 6.54 -6.39
C ILE B 90 15.98 6.35 -4.90
N GLU B 91 17.24 6.22 -4.48
CA GLU B 91 17.54 6.11 -3.06
C GLU B 91 17.09 7.36 -2.30
N ASP B 92 17.51 8.53 -2.79
CA ASP B 92 17.14 9.80 -2.19
C ASP B 92 15.62 9.94 -2.05
N ILE B 93 14.92 9.77 -3.17
CA ILE B 93 13.47 9.88 -3.20
C ILE B 93 12.81 8.90 -2.22
N GLN B 94 13.31 7.67 -2.17
CA GLN B 94 12.76 6.67 -1.27
C GLN B 94 12.88 7.11 0.19
N ARG B 95 14.07 7.56 0.56
CA ARG B 95 14.29 8.08 1.92
C ARG B 95 13.33 9.22 2.25
N LYS B 96 13.20 10.15 1.30
CA LYS B 96 12.32 11.30 1.47
C LYS B 96 10.87 10.87 1.66
N ILE B 97 10.43 9.90 0.87
CA ILE B 97 9.07 9.38 0.93
C ILE B 97 8.79 8.74 2.28
N GLU B 98 9.70 7.89 2.74
CA GLU B 98 9.55 7.26 4.04
C GLU B 98 9.45 8.30 5.16
N ASP B 99 10.37 9.25 5.15
CA ASP B 99 10.37 10.35 6.12
C ASP B 99 9.04 11.09 6.13
N LEU B 100 8.59 11.52 4.96
CA LEU B 100 7.35 12.28 4.84
C LEU B 100 6.14 11.47 5.29
N LYS B 101 6.18 10.16 5.06
CA LYS B 101 5.09 9.28 5.50
C LYS B 101 5.02 9.22 7.02
N ARG B 102 6.17 8.97 7.66
CA ARG B 102 6.22 8.95 9.12
C ARG B 102 5.74 10.29 9.70
N ILE B 103 6.21 11.37 9.09
CA ILE B 103 5.81 12.72 9.52
C ILE B 103 4.30 12.91 9.40
N GLU B 104 3.73 12.45 8.30
CA GLU B 104 2.29 12.56 8.08
C GLU B 104 1.51 11.78 9.13
N ARG B 105 1.99 10.57 9.47
CA ARG B 105 1.33 9.78 10.50
C ARG B 105 1.45 10.46 11.87
N MSE B 106 2.57 11.14 12.10
CA MSE B 106 2.72 11.94 13.32
C MSE B 106 1.66 13.04 13.36
O MSE B 106 1.01 13.24 14.39
CB MSE B 106 4.11 12.56 13.40
CG MSE B 106 4.20 13.68 14.43
SE MSE B 106 5.83 14.75 14.30
CE MSE B 106 5.63 15.40 12.48
N LEU B 107 1.51 13.75 12.25
CA LEU B 107 0.55 14.84 12.17
C LEU B 107 -0.88 14.35 12.34
N MSE B 108 -1.14 13.14 11.87
CA MSE B 108 -2.46 12.54 12.04
C MSE B 108 -2.70 12.13 13.49
O MSE B 108 -3.80 12.30 14.02
CB MSE B 108 -2.62 11.32 11.12
CG MSE B 108 -2.79 11.68 9.66
SE MSE B 108 -2.73 10.12 8.50
CE MSE B 108 -3.17 10.97 6.82
N ASP B 109 -1.66 11.60 14.13
CA ASP B 109 -1.73 11.25 15.55
C ASP B 109 -2.03 12.50 16.37
N LEU B 110 -1.32 13.57 16.06
CA LEU B 110 -1.50 14.85 16.74
C LEU B 110 -2.90 15.40 16.50
N LYS B 111 -3.36 15.29 15.26
CA LYS B 111 -4.69 15.75 14.88
C LYS B 111 -5.80 15.01 15.63
N GLU B 112 -5.63 13.70 15.78
CA GLU B 112 -6.62 12.86 16.45
C GLU B 112 -6.70 13.15 17.94
N ARG B 113 -5.65 13.74 18.50
CA ARG B 113 -5.61 14.07 19.92
C ARG B 113 -6.29 15.41 20.19
N CYS B 114 -6.74 16.07 19.12
CA CYS B 114 -7.46 17.34 19.24
C CYS B 114 -8.95 17.09 19.41
N PRO B 115 -9.64 17.96 20.17
CA PRO B 115 -11.09 17.85 20.36
C PRO B 115 -11.87 18.04 19.07
N GLU B 116 -11.41 18.98 18.23
CA GLU B 116 -12.07 19.28 16.96
C GLU B 116 -12.16 18.06 16.06
N ASN B 117 -11.29 17.09 16.30
CA ASN B 117 -11.27 15.87 15.50
C ASN B 117 -12.52 15.02 15.70
N LYS B 118 -13.22 15.26 16.81
CA LYS B 118 -14.45 14.52 17.10
C LYS B 118 -15.70 15.22 16.57
N ASP B 119 -15.55 16.46 16.11
CA ASP B 119 -16.68 17.24 15.64
C ASP B 119 -16.88 17.08 14.14
N ILE B 120 -18.12 16.86 13.73
CA ILE B 120 -18.45 16.60 12.32
C ILE B 120 -18.23 17.82 11.45
N TYR B 121 -18.64 18.99 11.94
CA TYR B 121 -18.55 20.22 11.16
C TYR B 121 -17.10 20.70 11.02
N GLU B 122 -16.19 20.06 11.74
CA GLU B 122 -14.76 20.39 11.66
C GLU B 122 -14.02 19.49 10.68
N CYS B 123 -14.75 18.60 10.02
CA CYS B 123 -14.15 17.67 9.06
C CYS B 123 -13.69 18.41 7.80
N PRO B 124 -12.45 18.13 7.36
CA PRO B 124 -11.83 18.77 6.19
C PRO B 124 -12.39 18.28 4.86
N ILE B 125 -13.51 18.85 4.44
CA ILE B 125 -14.19 18.42 3.21
C ILE B 125 -13.48 18.90 1.94
N ILE B 126 -13.46 20.22 1.74
CA ILE B 126 -12.92 20.82 0.53
C ILE B 126 -11.42 20.56 0.37
N GLU B 127 -10.70 20.70 1.49
CA GLU B 127 -9.24 20.54 1.49
C GLU B 127 -8.79 19.24 0.85
N THR B 128 -9.65 18.22 0.90
CA THR B 128 -9.37 16.94 0.29
C THR B 128 -8.92 17.07 -1.18
N LEU B 129 -9.63 17.91 -1.93
CA LEU B 129 -9.30 18.09 -3.34
C LEU B 129 -8.42 19.32 -3.58
N MSE B 130 -8.00 19.95 -2.49
CA MSE B 130 -7.13 21.14 -2.53
C MSE B 130 -7.83 22.31 -3.21
O MSE B 130 -8.54 23.08 -2.56
CB MSE B 130 -5.81 20.84 -3.23
CG MSE B 130 -4.86 22.01 -3.32
SE MSE B 130 -3.21 21.59 -4.30
CE MSE B 130 -2.28 23.29 -4.06
N GLY C 6 43.89 6.77 9.72
CA GLY C 6 43.57 5.93 10.86
C GLY C 6 42.15 5.40 10.81
N GLU C 7 41.91 4.28 11.48
CA GLU C 7 40.59 3.67 11.51
C GLU C 7 39.81 4.09 12.76
N LEU C 8 40.45 4.89 13.61
CA LEU C 8 39.79 5.42 14.81
C LEU C 8 38.66 6.35 14.41
N ALA C 9 38.96 7.25 13.48
CA ALA C 9 37.99 8.19 12.97
C ALA C 9 37.08 7.51 11.95
N ASP C 10 37.53 6.35 11.47
CA ASP C 10 36.74 5.52 10.55
C ASP C 10 35.68 4.72 11.31
N LYS C 11 35.67 4.79 12.63
CA LYS C 11 34.75 3.92 13.32
C LYS C 11 33.42 4.61 13.44
N CYS C 12 32.50 4.21 12.56
CA CYS C 12 31.11 4.64 12.63
C CYS C 12 30.20 3.48 12.30
N GLY C 13 29.45 2.99 13.28
CA GLY C 13 29.71 3.26 14.67
C GLY C 13 30.40 2.04 15.23
N VAL C 14 31.01 1.26 14.33
CA VAL C 14 31.67 0.01 14.66
C VAL C 14 33.09 0.22 15.17
N ASN C 15 33.40 -0.35 16.34
CA ASN C 15 34.71 -0.16 16.96
C ASN C 15 35.83 -0.91 16.23
N LYS C 16 37.06 -0.74 16.71
CA LYS C 16 38.24 -1.31 16.04
C LYS C 16 38.23 -2.84 15.99
N GLU C 17 37.92 -3.46 17.12
CA GLU C 17 37.97 -4.91 17.24
C GLU C 17 37.10 -5.61 16.20
N THR C 18 35.86 -5.12 16.05
CA THR C 18 34.93 -5.71 15.10
C THR C 18 35.36 -5.44 13.66
N ILE C 19 35.97 -4.28 13.44
CA ILE C 19 36.49 -3.93 12.12
C ILE C 19 37.60 -4.88 11.68
N ARG C 20 38.57 -5.10 12.56
CA ARG C 20 39.65 -6.04 12.28
C ARG C 20 39.12 -7.45 12.15
N TYR C 21 38.11 -7.77 12.97
CA TYR C 21 37.43 -9.06 12.88
C TYR C 21 36.82 -9.25 11.49
N TYR C 22 36.31 -8.16 10.93
CA TYR C 22 35.76 -8.19 9.58
C TYR C 22 36.87 -8.31 8.53
N GLU C 23 38.01 -7.68 8.81
CA GLU C 23 39.15 -7.72 7.90
C GLU C 23 39.71 -9.13 7.78
N ARG C 24 39.71 -9.86 8.90
CA ARG C 24 40.26 -11.21 8.92
C ARG C 24 39.28 -12.23 8.33
N LEU C 25 38.03 -11.82 8.15
CA LEU C 25 37.03 -12.68 7.54
C LEU C 25 36.94 -12.43 6.03
N GLY C 26 37.76 -11.52 5.54
CA GLY C 26 37.79 -11.21 4.12
C GLY C 26 36.66 -10.30 3.68
N LEU C 27 35.93 -9.76 4.66
CA LEU C 27 34.80 -8.88 4.38
C LEU C 27 35.26 -7.48 3.98
N ILE C 28 36.44 -7.09 4.45
CA ILE C 28 36.99 -5.77 4.17
C ILE C 28 38.46 -5.87 3.77
N PRO C 29 38.87 -5.09 2.76
CA PRO C 29 40.29 -5.02 2.39
C PRO C 29 41.14 -4.39 3.49
N GLU C 30 42.32 -4.96 3.73
CA GLU C 30 43.13 -4.58 4.88
C GLU C 30 43.87 -3.26 4.70
N PRO C 31 44.46 -3.05 3.52
CA PRO C 31 45.32 -1.89 3.32
C PRO C 31 44.53 -0.59 3.29
N GLU C 32 44.87 0.30 4.24
CA GLU C 32 44.25 1.61 4.33
C GLU C 32 45.13 2.55 5.16
N ARG C 33 44.90 3.85 5.02
CA ARG C 33 45.63 4.83 5.81
C ARG C 33 44.85 6.14 5.96
N MSE C 40 40.68 9.75 3.39
CA MSE C 40 40.94 8.31 3.36
C MSE C 40 41.40 7.79 4.73
O MSE C 40 42.51 8.13 5.14
CB MSE C 40 41.96 7.98 2.29
CG MSE C 40 42.28 6.50 2.19
SE MSE C 40 43.17 6.04 0.52
CE MSE C 40 43.97 7.77 0.11
N TYR C 41 40.59 7.00 5.45
CA TYR C 41 39.25 6.50 5.06
C TYR C 41 39.25 5.62 3.79
N SER C 42 38.83 6.17 2.64
CA SER C 42 38.25 5.42 1.51
C SER C 42 36.83 4.98 1.79
N GLN C 43 35.94 5.96 1.58
CA GLN C 43 34.52 5.92 1.88
C GLN C 43 33.81 4.65 1.42
N GLN C 44 34.33 3.99 0.40
CA GLN C 44 33.81 2.70 -0.02
C GLN C 44 33.82 1.71 1.14
N THR C 45 34.85 1.79 1.97
CA THR C 45 34.98 0.94 3.15
C THR C 45 34.00 1.36 4.23
N VAL C 46 33.71 2.65 4.31
CA VAL C 46 32.72 3.16 5.24
C VAL C 46 31.34 2.63 4.90
N ASP C 47 30.98 2.75 3.62
CA ASP C 47 29.71 2.25 3.12
C ASP C 47 29.60 0.74 3.27
N ARG C 48 30.70 0.05 3.02
CA ARG C 48 30.77 -1.40 3.18
C ARG C 48 30.51 -1.78 4.64
N LEU C 49 31.14 -1.05 5.55
CA LEU C 49 30.98 -1.28 6.98
C LEU C 49 29.55 -1.05 7.43
N HIS C 50 28.95 0.06 7.00
CA HIS C 50 27.56 0.35 7.35
C HIS C 50 26.63 -0.73 6.81
N PHE C 51 26.90 -1.17 5.58
CA PHE C 51 26.12 -2.24 4.97
C PHE C 51 26.17 -3.51 5.82
N ILE C 52 27.39 -3.98 6.10
CA ILE C 52 27.57 -5.18 6.90
C ILE C 52 26.87 -5.08 8.26
N LYS C 53 27.15 -3.98 8.96
CA LYS C 53 26.58 -3.73 10.28
C LYS C 53 25.06 -3.77 10.27
N ARG C 54 24.45 -3.02 9.36
CA ARG C 54 23.00 -2.95 9.30
C ARG C 54 22.39 -4.28 8.88
N MSE C 55 23.03 -4.96 7.93
CA MSE C 55 22.57 -6.28 7.49
C MSE C 55 22.57 -7.26 8.65
O MSE C 55 21.67 -8.09 8.76
CB MSE C 55 23.44 -6.79 6.35
CG MSE C 55 23.23 -6.09 5.01
SE MSE C 55 21.47 -6.41 4.26
CE MSE C 55 21.71 -8.25 3.69
N GLN C 56 23.59 -7.18 9.50
CA GLN C 56 23.62 -8.02 10.69
C GLN C 56 22.53 -7.63 11.67
N GLU C 57 22.29 -6.33 11.79
CA GLU C 57 21.24 -5.82 12.68
C GLU C 57 19.85 -6.25 12.21
N LEU C 58 19.73 -6.55 10.92
CA LEU C 58 18.45 -6.93 10.34
C LEU C 58 18.27 -8.44 10.26
N GLY C 59 19.26 -9.18 10.76
CA GLY C 59 19.12 -10.62 10.91
C GLY C 59 19.89 -11.47 9.91
N PHE C 60 20.62 -10.83 9.00
CA PHE C 60 21.39 -11.55 8.00
C PHE C 60 22.72 -12.05 8.57
N THR C 61 23.02 -13.32 8.35
CA THR C 61 24.28 -13.91 8.81
C THR C 61 25.45 -13.39 8.00
N LEU C 62 26.66 -13.51 8.56
CA LEU C 62 27.87 -13.01 7.91
C LEU C 62 28.16 -13.68 6.56
N ASN C 63 27.80 -14.96 6.45
CA ASN C 63 27.97 -15.69 5.20
C ASN C 63 27.14 -15.08 4.07
N GLU C 64 25.89 -14.76 4.38
CA GLU C 64 24.98 -14.17 3.41
C GLU C 64 25.45 -12.78 2.98
N ILE C 65 25.89 -11.99 3.96
CA ILE C 65 26.45 -10.67 3.69
C ILE C 65 27.67 -10.78 2.79
N ASP C 66 28.50 -11.79 3.05
CA ASP C 66 29.70 -12.03 2.26
C ASP C 66 29.36 -12.40 0.83
N LYS C 67 28.38 -13.29 0.66
CA LYS C 67 27.94 -13.70 -0.67
C LYS C 67 27.37 -12.51 -1.45
N LEU C 68 26.65 -11.64 -0.75
CA LEU C 68 26.11 -10.44 -1.38
C LEU C 68 27.23 -9.49 -1.77
N LEU C 69 28.26 -9.38 -0.93
CA LEU C 69 29.42 -8.56 -1.23
C LEU C 69 30.23 -9.17 -2.37
N GLY C 70 29.98 -10.44 -2.66
CA GLY C 70 30.61 -11.11 -3.79
C GLY C 70 30.25 -10.45 -5.11
N VAL C 71 29.01 -9.98 -5.21
CA VAL C 71 28.55 -9.27 -6.41
C VAL C 71 29.27 -7.94 -6.54
N VAL C 72 29.46 -7.26 -5.41
CA VAL C 72 30.15 -5.98 -5.38
C VAL C 72 31.59 -6.13 -5.86
N ASP C 73 32.21 -7.26 -5.52
CA ASP C 73 33.60 -7.50 -5.86
C ASP C 73 33.76 -8.27 -7.17
N ARG C 74 32.62 -8.59 -7.79
CA ARG C 74 32.59 -9.25 -9.10
C ARG C 74 33.37 -10.56 -9.15
N ASP C 75 33.07 -11.48 -8.24
CA ASP C 75 33.67 -12.81 -8.23
C ASP C 75 32.61 -13.82 -8.68
N GLU C 76 32.89 -14.55 -9.75
CA GLU C 76 31.95 -15.49 -10.33
C GLU C 76 31.79 -16.76 -9.49
N ALA C 77 32.76 -17.04 -8.62
CA ALA C 77 32.72 -18.25 -7.81
C ALA C 77 31.63 -18.20 -6.73
N LYS C 78 31.62 -17.13 -5.94
CA LYS C 78 30.64 -17.01 -4.87
C LYS C 78 29.34 -16.35 -5.38
N CYS C 79 29.33 -15.99 -6.66
CA CYS C 79 28.10 -15.51 -7.29
C CYS C 79 27.38 -16.67 -7.98
N ARG C 80 27.94 -17.86 -7.84
CA ARG C 80 27.31 -19.08 -8.34
C ARG C 80 26.14 -19.46 -7.43
N ASP C 81 25.06 -19.95 -8.04
CA ASP C 81 23.84 -20.31 -7.33
C ASP C 81 23.26 -19.10 -6.61
N MSE C 82 23.42 -17.94 -7.22
CA MSE C 82 22.93 -16.69 -6.65
C MSE C 82 21.40 -16.65 -6.73
O MSE C 82 20.74 -16.06 -5.88
CB MSE C 82 23.53 -15.49 -7.37
CG MSE C 82 23.39 -14.17 -6.62
SE MSE C 82 24.03 -14.34 -4.79
CE MSE C 82 24.17 -12.46 -4.33
N TYR C 83 20.86 -17.27 -7.78
CA TYR C 83 19.41 -17.29 -8.01
C TYR C 83 18.67 -17.96 -6.86
N ASP C 84 19.08 -19.18 -6.51
CA ASP C 84 18.49 -19.93 -5.41
C ASP C 84 18.61 -19.16 -4.10
N PHE C 85 19.79 -18.57 -3.88
CA PHE C 85 20.05 -17.76 -2.71
C PHE C 85 19.03 -16.64 -2.59
N THR C 86 18.82 -15.93 -3.70
CA THR C 86 17.84 -14.85 -3.74
C THR C 86 16.44 -15.38 -3.47
N ILE C 87 16.11 -16.55 -3.99
CA ILE C 87 14.81 -17.16 -3.73
C ILE C 87 14.57 -17.36 -2.24
N LEU C 88 15.49 -18.09 -1.60
CA LEU C 88 15.39 -18.37 -0.17
C LEU C 88 15.30 -17.09 0.65
N LYS C 89 16.23 -16.16 0.40
CA LYS C 89 16.29 -14.92 1.15
C LYS C 89 15.03 -14.08 0.99
N ILE C 90 14.48 -14.04 -0.22
CA ILE C 90 13.25 -13.31 -0.48
C ILE C 90 12.09 -13.91 0.30
N GLU C 91 11.96 -15.24 0.25
CA GLU C 91 10.90 -15.91 1.02
C GLU C 91 10.99 -15.61 2.52
N ASP C 92 12.17 -15.87 3.08
CA ASP C 92 12.40 -15.67 4.52
C ASP C 92 12.16 -14.24 4.95
N ILE C 93 12.67 -13.29 4.17
CA ILE C 93 12.54 -11.88 4.52
C ILE C 93 11.08 -11.42 4.35
N GLN C 94 10.34 -12.07 3.46
CA GLN C 94 8.93 -11.75 3.29
C GLN C 94 8.13 -12.19 4.52
N ARG C 95 8.36 -13.44 4.93
CA ARG C 95 7.74 -13.95 6.15
C ARG C 95 8.05 -13.04 7.34
N LYS C 96 9.32 -12.66 7.46
CA LYS C 96 9.76 -11.80 8.56
C LYS C 96 9.06 -10.43 8.51
N ILE C 97 8.94 -9.86 7.32
CA ILE C 97 8.26 -8.58 7.14
C ILE C 97 6.81 -8.66 7.60
N GLU C 98 6.11 -9.72 7.17
CA GLU C 98 4.72 -9.92 7.58
C GLU C 98 4.58 -10.03 9.10
N ASP C 99 5.45 -10.84 9.70
CA ASP C 99 5.45 -11.00 11.16
C ASP C 99 5.64 -9.65 11.87
N LEU C 100 6.65 -8.90 11.44
CA LEU C 100 6.95 -7.61 12.05
C LEU C 100 5.79 -6.62 11.89
N LYS C 101 5.10 -6.70 10.76
CA LYS C 101 3.92 -5.87 10.54
C LYS C 101 2.81 -6.24 11.54
N ARG C 102 2.58 -7.53 11.71
CA ARG C 102 1.60 -7.98 12.69
C ARG C 102 1.93 -7.49 14.10
N ILE C 103 3.20 -7.61 14.49
CA ILE C 103 3.64 -7.13 15.79
C ILE C 103 3.44 -5.63 15.93
N GLU C 104 3.75 -4.89 14.88
CA GLU C 104 3.58 -3.44 14.88
C GLU C 104 2.12 -3.07 15.12
N ARG C 105 1.21 -3.73 14.41
CA ARG C 105 -0.21 -3.49 14.58
C ARG C 105 -0.66 -3.84 15.99
N MSE C 106 -0.09 -4.91 16.54
CA MSE C 106 -0.37 -5.29 17.92
C MSE C 106 0.02 -4.19 18.90
O MSE C 106 -0.73 -3.84 19.80
CB MSE C 106 0.35 -6.59 18.29
CG MSE C 106 0.24 -6.95 19.77
SE MSE C 106 1.57 -8.27 20.33
CE MSE C 106 3.16 -7.15 20.22
N LEU C 107 1.23 -3.64 18.70
CA LEU C 107 1.75 -2.59 19.57
C LEU C 107 0.93 -1.31 19.45
N MSE C 108 0.42 -1.05 18.25
CA MSE C 108 -0.44 0.11 18.04
C MSE C 108 -1.77 -0.09 18.76
O MSE C 108 -2.29 0.85 19.38
CB MSE C 108 -0.66 0.36 16.56
CG MSE C 108 0.53 0.97 15.86
SE MSE C 108 0.34 0.97 13.91
CE MSE C 108 1.83 2.16 13.47
N ASP C 109 -2.31 -1.29 18.68
CA ASP C 109 -3.53 -1.65 19.39
C ASP C 109 -3.34 -1.44 20.90
N LEU C 110 -2.19 -1.91 21.40
CA LEU C 110 -1.85 -1.78 22.81
C LEU C 110 -1.71 -0.32 23.21
N LYS C 111 -1.17 0.48 22.29
CA LYS C 111 -0.96 1.91 22.53
C LYS C 111 -2.30 2.65 22.61
N GLU C 112 -3.22 2.31 21.73
CA GLU C 112 -4.51 2.98 21.67
C GLU C 112 -5.36 2.74 22.92
N ARG C 113 -4.99 1.73 23.71
CA ARG C 113 -5.73 1.40 24.91
C ARG C 113 -5.19 2.14 26.13
N CYS C 114 -4.08 2.85 25.94
CA CYS C 114 -3.48 3.64 27.00
C CYS C 114 -4.10 5.04 27.03
N PRO C 115 -4.29 5.59 28.24
CA PRO C 115 -4.86 6.93 28.44
C PRO C 115 -4.02 8.03 27.78
N GLU C 116 -2.70 7.92 27.89
CA GLU C 116 -1.79 8.93 27.36
C GLU C 116 -1.99 9.14 25.86
N ASN C 117 -2.51 8.13 25.19
CA ASN C 117 -2.74 8.20 23.74
C ASN C 117 -3.78 9.26 23.38
N LYS C 118 -4.59 9.66 24.35
CA LYS C 118 -5.61 10.68 24.11
C LYS C 118 -5.10 12.09 24.39
N ASP C 119 -3.93 12.20 25.03
CA ASP C 119 -3.38 13.51 25.39
C ASP C 119 -2.47 14.05 24.30
N ILE C 120 -2.68 15.30 23.93
CA ILE C 120 -1.93 15.93 22.84
C ILE C 120 -0.45 16.08 23.18
N TYR C 121 -0.14 16.34 24.45
CA TYR C 121 1.24 16.54 24.88
C TYR C 121 2.01 15.24 24.97
N GLU C 122 1.30 14.12 24.89
CA GLU C 122 1.92 12.80 24.96
C GLU C 122 2.24 12.28 23.57
N CYS C 123 1.99 13.09 22.56
CA CYS C 123 2.27 12.71 21.17
C CYS C 123 3.76 12.69 20.88
N PRO C 124 4.25 11.60 20.28
CA PRO C 124 5.65 11.37 19.94
C PRO C 124 6.14 12.19 18.74
N ILE C 125 6.52 13.44 18.99
CA ILE C 125 6.98 14.33 17.93
C ILE C 125 8.39 14.00 17.45
N ILE C 126 9.36 14.15 18.35
CA ILE C 126 10.77 13.99 18.00
C ILE C 126 11.14 12.55 17.63
N GLU C 127 10.48 11.60 18.27
CA GLU C 127 10.74 10.17 18.03
C GLU C 127 10.54 9.76 16.58
N THR C 128 9.79 10.57 15.84
CA THR C 128 9.46 10.28 14.45
C THR C 128 10.69 10.17 13.55
N LEU C 129 11.57 11.17 13.63
CA LEU C 129 12.71 11.25 12.72
C LEU C 129 14.03 10.70 13.25
N MSE C 130 14.02 10.16 14.46
CA MSE C 130 15.26 9.63 15.06
C MSE C 130 15.79 8.44 14.27
O MSE C 130 15.18 7.37 14.25
CB MSE C 130 15.04 9.23 16.51
CG MSE C 130 14.65 10.38 17.42
SE MSE C 130 14.61 9.85 19.29
CE MSE C 130 13.68 8.15 19.11
N LYS D 16 -2.65 -39.11 6.38
CA LYS D 16 -2.28 -40.45 6.82
C LYS D 16 -2.59 -41.49 5.75
N GLU D 17 -3.88 -41.76 5.55
CA GLU D 17 -4.31 -42.70 4.52
C GLU D 17 -4.55 -41.97 3.20
N THR D 18 -4.49 -40.64 3.26
CA THR D 18 -4.69 -39.81 2.07
C THR D 18 -3.39 -39.69 1.28
N ILE D 19 -2.29 -40.15 1.87
CA ILE D 19 -0.99 -40.12 1.21
C ILE D 19 -0.97 -41.09 0.04
N ARG D 20 -1.43 -42.32 0.28
CA ARG D 20 -1.54 -43.32 -0.77
C ARG D 20 -2.60 -42.90 -1.78
N TYR D 21 -3.64 -42.22 -1.29
CA TYR D 21 -4.70 -41.72 -2.14
C TYR D 21 -4.19 -40.59 -3.04
N TYR D 22 -3.14 -39.91 -2.58
CA TYR D 22 -2.54 -38.82 -3.35
C TYR D 22 -1.77 -39.37 -4.56
N GLU D 23 -1.49 -40.66 -4.54
CA GLU D 23 -0.82 -41.31 -5.66
C GLU D 23 -1.85 -41.74 -6.70
N ARG D 24 -1.75 -41.17 -7.89
CA ARG D 24 -2.71 -41.45 -8.96
C ARG D 24 -2.32 -42.70 -9.74
N GLN D 44 7.20 -36.91 0.44
CA GLN D 44 8.48 -36.34 0.79
C GLN D 44 8.95 -35.35 -0.27
N THR D 45 9.54 -34.23 0.14
CA THR D 45 9.67 -33.83 1.54
C THR D 45 8.33 -33.34 2.06
N VAL D 46 8.17 -33.28 3.38
CA VAL D 46 6.94 -32.88 4.04
C VAL D 46 6.43 -31.52 3.54
N ASP D 47 7.28 -30.75 2.88
CA ASP D 47 6.82 -29.48 2.37
C ASP D 47 5.91 -29.69 1.19
N ARG D 48 6.26 -30.64 0.32
CA ARG D 48 5.42 -30.92 -0.84
C ARG D 48 4.02 -31.32 -0.37
N LEU D 49 3.97 -32.16 0.65
CA LEU D 49 2.71 -32.61 1.22
C LEU D 49 1.95 -31.42 1.83
N HIS D 50 2.69 -30.58 2.56
CA HIS D 50 2.10 -29.40 3.19
C HIS D 50 1.62 -28.40 2.15
N PHE D 51 2.25 -28.45 0.99
CA PHE D 51 1.97 -27.57 -0.13
C PHE D 51 0.64 -28.00 -0.70
N ILE D 52 0.52 -29.28 -0.98
CA ILE D 52 -0.74 -29.82 -1.47
C ILE D 52 -1.87 -29.52 -0.48
N LYS D 53 -1.61 -29.79 0.80
CA LYS D 53 -2.63 -29.59 1.82
C LYS D 53 -3.08 -28.13 1.93
N ARG D 54 -2.12 -27.21 1.95
CA ARG D 54 -2.42 -25.79 2.09
C ARG D 54 -3.09 -25.23 0.84
N MSE D 55 -2.60 -25.63 -0.32
CA MSE D 55 -3.19 -25.22 -1.60
C MSE D 55 -4.64 -25.67 -1.68
O MSE D 55 -5.52 -24.90 -2.07
CB MSE D 55 -2.40 -25.79 -2.77
CG MSE D 55 -1.04 -25.16 -2.99
SE MSE D 55 -1.13 -23.36 -3.72
CE MSE D 55 -1.98 -23.77 -5.42
N GLN D 56 -4.89 -26.93 -1.30
CA GLN D 56 -6.25 -27.47 -1.29
C GLN D 56 -7.10 -26.78 -0.24
N GLU D 57 -6.45 -26.30 0.82
CA GLU D 57 -7.13 -25.61 1.90
C GLU D 57 -7.51 -24.19 1.49
N LEU D 58 -6.81 -23.65 0.52
CA LEU D 58 -7.03 -22.28 0.08
C LEU D 58 -7.98 -22.19 -1.12
N GLY D 59 -8.55 -23.33 -1.51
CA GLY D 59 -9.56 -23.35 -2.55
C GLY D 59 -9.11 -23.92 -3.89
N PHE D 60 -7.86 -24.36 -3.96
CA PHE D 60 -7.34 -24.96 -5.19
C PHE D 60 -7.71 -26.44 -5.29
N THR D 61 -8.17 -26.85 -6.46
CA THR D 61 -8.50 -28.26 -6.69
C THR D 61 -7.24 -29.07 -6.90
N LEU D 62 -7.34 -30.38 -6.65
CA LEU D 62 -6.21 -31.28 -6.83
C LEU D 62 -5.71 -31.27 -8.28
N ASN D 63 -6.62 -31.00 -9.20
CA ASN D 63 -6.29 -30.84 -10.61
C ASN D 63 -5.32 -29.68 -10.84
N GLU D 64 -5.71 -28.50 -10.34
CA GLU D 64 -4.89 -27.30 -10.46
C GLU D 64 -3.54 -27.48 -9.79
N ILE D 65 -3.56 -28.03 -8.58
CA ILE D 65 -2.34 -28.30 -7.82
C ILE D 65 -1.42 -29.24 -8.60
N ASP D 66 -2.01 -30.26 -9.22
CA ASP D 66 -1.23 -31.22 -9.99
C ASP D 66 -0.60 -30.58 -11.22
N LYS D 67 -1.35 -29.70 -11.89
CA LYS D 67 -0.80 -29.01 -13.06
C LYS D 67 0.31 -28.06 -12.65
N LEU D 68 0.19 -27.46 -11.47
CA LEU D 68 1.27 -26.65 -10.92
C LEU D 68 2.50 -27.51 -10.64
N LEU D 69 2.28 -28.67 -10.05
CA LEU D 69 3.37 -29.59 -9.74
C LEU D 69 4.00 -30.19 -11.00
N GLY D 70 3.29 -30.08 -12.12
CA GLY D 70 3.82 -30.51 -13.40
C GLY D 70 5.06 -29.73 -13.77
N VAL D 71 5.10 -28.48 -13.34
CA VAL D 71 6.27 -27.63 -13.56
C VAL D 71 7.43 -28.09 -12.67
N VAL D 72 7.11 -28.44 -11.44
CA VAL D 72 8.11 -28.91 -10.48
C VAL D 72 8.78 -30.19 -10.95
N ASP D 73 7.97 -31.11 -11.50
CA ASP D 73 8.49 -32.39 -11.99
C ASP D 73 9.06 -32.25 -13.40
N ARG D 74 8.99 -31.04 -13.94
CA ARG D 74 9.52 -30.73 -15.27
C ARG D 74 8.92 -31.61 -16.35
N ASP D 75 7.58 -31.71 -16.36
CA ASP D 75 6.88 -32.47 -17.38
C ASP D 75 6.31 -31.55 -18.43
N GLU D 76 6.88 -31.60 -19.63
CA GLU D 76 6.52 -30.68 -20.71
C GLU D 76 5.07 -30.88 -21.15
N ALA D 77 4.57 -32.10 -21.02
CA ALA D 77 3.22 -32.43 -21.45
C ALA D 77 2.15 -31.71 -20.63
N LYS D 78 2.33 -31.69 -19.32
CA LYS D 78 1.35 -31.11 -18.41
C LYS D 78 1.55 -29.61 -18.23
N CYS D 79 2.61 -29.06 -18.82
CA CYS D 79 2.89 -27.63 -18.68
C CYS D 79 2.34 -26.81 -19.86
N ARG D 80 1.66 -27.48 -20.77
CA ARG D 80 1.06 -26.79 -21.92
C ARG D 80 -0.09 -25.92 -21.47
N ASP D 81 -0.27 -24.78 -22.15
CA ASP D 81 -1.32 -23.81 -21.83
C ASP D 81 -1.23 -23.33 -20.37
N MSE D 82 -0.01 -23.14 -19.89
CA MSE D 82 0.23 -22.68 -18.53
C MSE D 82 -0.21 -21.23 -18.36
O MSE D 82 -0.69 -20.83 -17.28
CB MSE D 82 1.71 -22.84 -18.16
CG MSE D 82 2.01 -22.65 -16.69
SE MSE D 82 1.27 -24.10 -15.63
CE MSE D 82 0.66 -23.05 -14.11
N TYR D 83 -0.03 -20.46 -19.41
CA TYR D 83 -0.33 -19.03 -19.43
C TYR D 83 -1.79 -18.74 -19.06
N ASP D 84 -2.71 -19.37 -19.78
CA ASP D 84 -4.14 -19.21 -19.54
C ASP D 84 -4.52 -19.56 -18.11
N PHE D 85 -3.98 -20.68 -17.63
CA PHE D 85 -4.21 -21.14 -16.27
C PHE D 85 -3.79 -20.08 -15.26
N THR D 86 -2.57 -19.57 -15.43
CA THR D 86 -2.07 -18.52 -14.55
C THR D 86 -2.99 -17.31 -14.58
N ILE D 87 -3.45 -16.91 -15.77
CA ILE D 87 -4.37 -15.79 -15.90
C ILE D 87 -5.66 -16.00 -15.08
N LEU D 88 -6.32 -17.12 -15.31
CA LEU D 88 -7.55 -17.46 -14.60
C LEU D 88 -7.38 -17.44 -13.09
N LYS D 89 -6.38 -18.20 -12.62
CA LYS D 89 -6.14 -18.32 -11.19
C LYS D 89 -5.77 -16.97 -10.55
N ILE D 90 -5.02 -16.16 -11.28
CA ILE D 90 -4.66 -14.83 -10.82
C ILE D 90 -5.90 -13.97 -10.64
N GLU D 91 -6.79 -13.99 -11.64
CA GLU D 91 -8.04 -13.24 -11.55
C GLU D 91 -8.88 -13.65 -10.34
N ASP D 92 -9.16 -14.96 -10.26
CA ASP D 92 -9.97 -15.50 -9.17
C ASP D 92 -9.39 -15.17 -7.80
N ILE D 93 -8.10 -15.42 -7.63
CA ILE D 93 -7.45 -15.20 -6.34
C ILE D 93 -7.39 -13.72 -6.02
N GLN D 94 -7.37 -12.87 -7.04
CA GLN D 94 -7.38 -11.42 -6.84
C GLN D 94 -8.72 -10.99 -6.27
N ARG D 95 -9.80 -11.46 -6.89
CA ARG D 95 -11.14 -11.18 -6.39
C ARG D 95 -11.30 -11.65 -4.94
N LYS D 96 -10.84 -12.87 -4.67
CA LYS D 96 -10.91 -13.43 -3.32
C LYS D 96 -10.13 -12.57 -2.33
N ILE D 97 -8.94 -12.13 -2.72
CA ILE D 97 -8.12 -11.29 -1.86
C ILE D 97 -8.84 -9.98 -1.53
N GLU D 98 -9.41 -9.33 -2.54
CA GLU D 98 -10.14 -8.09 -2.32
C GLU D 98 -11.30 -8.28 -1.34
N ASP D 99 -12.13 -9.28 -1.62
CA ASP D 99 -13.26 -9.59 -0.73
C ASP D 99 -12.81 -9.81 0.70
N LEU D 100 -11.78 -10.64 0.87
CA LEU D 100 -11.26 -10.95 2.20
C LEU D 100 -10.72 -9.71 2.91
N LYS D 101 -10.10 -8.80 2.15
CA LYS D 101 -9.62 -7.54 2.72
C LYS D 101 -10.80 -6.73 3.27
N ARG D 102 -11.83 -6.59 2.46
CA ARG D 102 -13.02 -5.86 2.91
C ARG D 102 -13.64 -6.49 4.16
N ILE D 103 -13.73 -7.81 4.16
CA ILE D 103 -14.28 -8.52 5.31
C ILE D 103 -13.43 -8.28 6.57
N GLU D 104 -12.11 -8.26 6.39
CA GLU D 104 -11.20 -8.00 7.50
C GLU D 104 -11.44 -6.61 8.07
N ARG D 105 -11.58 -5.62 7.18
CA ARG D 105 -11.87 -4.26 7.63
C ARG D 105 -13.22 -4.18 8.37
N MSE D 106 -14.19 -4.95 7.89
CA MSE D 106 -15.48 -5.02 8.56
C MSE D 106 -15.34 -5.58 9.97
O MSE D 106 -15.88 -5.02 10.92
CB MSE D 106 -16.45 -5.92 7.77
CG MSE D 106 -17.75 -6.20 8.51
SE MSE D 106 -18.63 -7.83 7.90
CE MSE D 106 -17.45 -9.14 8.72
N LEU D 107 -14.60 -6.67 10.10
CA LEU D 107 -14.37 -7.31 11.39
C LEU D 107 -13.63 -6.38 12.34
N MSE D 108 -12.73 -5.57 11.80
CA MSE D 108 -12.01 -4.60 12.60
C MSE D 108 -12.94 -3.50 13.09
O MSE D 108 -12.88 -3.09 14.25
CB MSE D 108 -10.85 -4.00 11.82
CG MSE D 108 -9.63 -4.90 11.74
SE MSE D 108 -8.33 -4.33 10.42
CE MSE D 108 -6.93 -5.63 10.78
N ASP D 109 -13.81 -3.03 12.20
CA ASP D 109 -14.83 -2.05 12.57
C ASP D 109 -15.70 -2.58 13.70
N LEU D 110 -16.13 -3.83 13.57
CA LEU D 110 -16.96 -4.48 14.58
C LEU D 110 -16.21 -4.62 15.90
N LYS D 111 -14.92 -4.92 15.81
CA LYS D 111 -14.07 -5.06 16.99
C LYS D 111 -13.95 -3.74 17.74
N GLU D 112 -13.80 -2.66 16.99
CA GLU D 112 -13.63 -1.33 17.58
C GLU D 112 -14.91 -0.83 18.25
N ARG D 113 -16.03 -1.49 17.98
CA ARG D 113 -17.31 -1.10 18.55
C ARG D 113 -17.60 -1.85 19.85
N CYS D 114 -16.68 -2.75 20.22
CA CYS D 114 -16.80 -3.50 21.46
C CYS D 114 -16.10 -2.79 22.63
N PRO D 115 -16.68 -2.86 23.83
CA PRO D 115 -16.11 -2.26 25.04
C PRO D 115 -14.69 -2.78 25.34
N GLU D 116 -14.50 -4.08 25.22
CA GLU D 116 -13.21 -4.71 25.54
C GLU D 116 -12.05 -4.11 24.74
N ASN D 117 -12.36 -3.52 23.59
CA ASN D 117 -11.34 -2.93 22.73
C ASN D 117 -10.67 -1.73 23.38
N LYS D 118 -11.31 -1.15 24.38
CA LYS D 118 -10.73 -0.01 25.09
C LYS D 118 -9.91 -0.43 26.31
N ASP D 119 -9.99 -1.71 26.66
CA ASP D 119 -9.28 -2.23 27.83
C ASP D 119 -7.91 -2.79 27.43
N ILE D 120 -6.88 -2.38 28.16
CA ILE D 120 -5.50 -2.76 27.85
C ILE D 120 -5.27 -4.26 28.00
N TYR D 121 -5.92 -4.88 28.98
CA TYR D 121 -5.68 -6.28 29.28
C TYR D 121 -6.46 -7.20 28.34
N GLU D 122 -7.29 -6.61 27.49
CA GLU D 122 -8.04 -7.36 26.49
C GLU D 122 -7.31 -7.37 25.14
N CYS D 123 -6.14 -6.77 25.10
CA CYS D 123 -5.35 -6.71 23.87
C CYS D 123 -4.77 -8.09 23.53
N PRO D 124 -5.01 -8.55 22.29
CA PRO D 124 -4.58 -9.88 21.84
C PRO D 124 -3.08 -9.95 21.56
N ILE D 125 -2.29 -10.12 22.61
CA ILE D 125 -0.83 -10.16 22.49
C ILE D 125 -0.32 -11.45 21.83
N ILE D 126 -0.74 -12.59 22.36
CA ILE D 126 -0.23 -13.88 21.90
C ILE D 126 -0.77 -14.27 20.52
N GLU D 127 -2.08 -14.08 20.34
CA GLU D 127 -2.77 -14.45 19.10
C GLU D 127 -2.08 -13.86 17.87
N THR D 128 -1.39 -12.74 18.07
CA THR D 128 -0.62 -12.09 17.02
C THR D 128 0.31 -13.07 16.28
N LEU D 129 1.08 -13.87 17.03
CA LEU D 129 2.11 -14.68 16.39
C LEU D 129 1.64 -16.08 16.02
N MSE D 130 0.33 -16.30 16.16
CA MSE D 130 -0.32 -17.49 15.62
C MSE D 130 -1.09 -17.14 14.34
O MSE D 130 -1.03 -17.85 13.33
CB MSE D 130 -1.24 -18.12 16.68
CG MSE D 130 -0.54 -18.24 18.01
SE MSE D 130 0.69 -19.71 17.81
CE MSE D 130 1.33 -19.90 19.59
N ILE E 5 -4.64 -31.52 25.44
CA ILE E 5 -4.31 -30.69 26.60
C ILE E 5 -3.33 -31.40 27.52
N GLY E 6 -2.61 -30.64 28.34
CA GLY E 6 -1.67 -31.20 29.30
C GLY E 6 -0.47 -31.88 28.67
N GLU E 7 0.31 -31.12 27.90
CA GLU E 7 1.50 -31.67 27.26
C GLU E 7 2.66 -31.83 28.23
N LEU E 8 3.46 -32.88 28.02
CA LEU E 8 4.59 -33.18 28.88
C LEU E 8 5.84 -32.34 28.59
N ALA E 9 6.23 -32.25 27.32
CA ALA E 9 7.47 -31.57 26.96
C ALA E 9 7.44 -30.94 25.58
N ASP E 10 8.07 -29.77 25.46
CA ASP E 10 8.38 -29.15 24.17
C ASP E 10 7.10 -28.91 23.32
N LYS E 11 7.02 -29.57 22.17
CA LYS E 11 6.08 -29.26 21.07
C LYS E 11 6.44 -27.92 20.39
N CYS E 12 7.28 -27.13 21.03
CA CYS E 12 7.66 -25.81 20.53
C CYS E 12 9.02 -25.74 19.83
N GLY E 13 9.76 -26.85 19.83
CA GLY E 13 11.10 -26.85 19.28
C GLY E 13 12.09 -26.12 20.18
N VAL E 14 11.93 -26.29 21.49
CA VAL E 14 12.78 -25.64 22.48
C VAL E 14 13.32 -26.65 23.48
N ASN E 15 14.57 -26.48 23.92
CA ASN E 15 15.18 -27.37 24.89
C ASN E 15 14.44 -27.36 26.23
N LYS E 16 14.49 -28.49 26.93
CA LYS E 16 13.85 -28.62 28.23
C LYS E 16 14.52 -27.70 29.25
N GLU E 17 15.85 -27.67 29.24
CA GLU E 17 16.62 -26.80 30.13
C GLU E 17 16.30 -25.34 29.86
N THR E 18 16.10 -25.01 28.59
CA THR E 18 15.74 -23.65 28.19
C THR E 18 14.36 -23.30 28.73
N ILE E 19 13.44 -24.26 28.69
CA ILE E 19 12.10 -24.08 29.22
C ILE E 19 12.16 -23.81 30.73
N ARG E 20 12.95 -24.62 31.44
CA ARG E 20 13.13 -24.43 32.87
C ARG E 20 13.75 -23.08 33.17
N TYR E 21 14.63 -22.62 32.27
CA TYR E 21 15.26 -21.32 32.40
C TYR E 21 14.25 -20.19 32.24
N TYR E 22 13.35 -20.34 31.27
CA TYR E 22 12.27 -19.39 31.06
C TYR E 22 11.35 -19.35 32.26
N GLU E 23 11.13 -20.52 32.87
CA GLU E 23 10.32 -20.61 34.07
C GLU E 23 11.01 -19.88 35.22
N ARG E 24 12.33 -19.97 35.26
CA ARG E 24 13.11 -19.28 36.27
C ARG E 24 13.06 -17.77 36.10
N LEU E 25 13.06 -17.31 34.85
CA LEU E 25 13.01 -15.88 34.55
C LEU E 25 11.63 -15.30 34.83
N GLY E 26 10.61 -16.14 34.84
CA GLY E 26 9.25 -15.69 35.08
C GLY E 26 8.46 -15.57 33.80
N LEU E 27 9.07 -15.97 32.69
CA LEU E 27 8.41 -15.93 31.38
C LEU E 27 7.36 -17.02 31.27
N ILE E 28 7.58 -18.12 31.98
CA ILE E 28 6.64 -19.24 31.98
C ILE E 28 6.25 -19.61 33.41
N PRO E 29 4.97 -19.90 33.65
CA PRO E 29 4.55 -20.48 34.94
C PRO E 29 5.06 -21.90 35.10
N GLU E 30 5.66 -22.20 36.25
CA GLU E 30 6.29 -23.51 36.47
C GLU E 30 5.30 -24.68 36.58
N PRO E 31 4.29 -24.59 37.47
CA PRO E 31 3.46 -25.79 37.63
C PRO E 31 2.20 -25.74 36.77
N MSE E 40 5.57 -32.54 36.32
CA MSE E 40 5.89 -31.54 35.31
C MSE E 40 4.75 -31.38 34.31
O MSE E 40 4.91 -31.64 33.12
CB MSE E 40 7.18 -31.93 34.58
N TYR E 41 3.59 -30.96 34.81
CA TYR E 41 2.42 -30.75 33.98
C TYR E 41 1.82 -29.36 34.19
N SER E 42 1.88 -28.50 33.17
CA SER E 42 1.16 -27.23 33.25
C SER E 42 0.32 -26.94 32.03
N GLN E 43 -1.00 -27.05 32.19
CA GLN E 43 -2.00 -26.56 31.23
C GLN E 43 -1.60 -26.84 29.78
N GLN E 44 -1.76 -25.83 28.94
CA GLN E 44 -0.91 -25.71 27.77
C GLN E 44 -0.45 -24.26 27.68
N THR E 45 0.85 -24.08 27.93
CA THR E 45 1.56 -22.84 27.71
C THR E 45 2.29 -22.92 26.39
N VAL E 46 2.00 -23.98 25.65
CA VAL E 46 2.60 -24.27 24.35
C VAL E 46 2.68 -23.01 23.53
N ASP E 47 1.60 -22.23 23.58
CA ASP E 47 1.52 -20.99 22.85
C ASP E 47 2.29 -19.81 23.45
N ARG E 48 2.40 -19.78 24.77
CA ARG E 48 3.22 -18.76 25.42
C ARG E 48 4.66 -18.95 25.00
N LEU E 49 5.09 -20.20 24.97
CA LEU E 49 6.45 -20.56 24.56
C LEU E 49 6.68 -20.28 23.07
N HIS E 50 5.70 -20.62 22.25
CA HIS E 50 5.80 -20.31 20.82
C HIS E 50 5.94 -18.81 20.60
N PHE E 51 5.14 -18.04 21.33
CA PHE E 51 5.20 -16.58 21.27
C PHE E 51 6.59 -16.08 21.64
N ILE E 52 7.09 -16.53 22.79
CA ILE E 52 8.43 -16.13 23.24
C ILE E 52 9.50 -16.44 22.19
N LYS E 53 9.53 -17.68 21.73
CA LYS E 53 10.50 -18.13 20.75
C LYS E 53 10.47 -17.30 19.46
N ARG E 54 9.28 -17.16 18.89
CA ARG E 54 9.15 -16.44 17.62
C ARG E 54 9.48 -14.95 17.79
N MSE E 55 9.06 -14.38 18.91
CA MSE E 55 9.38 -12.99 19.23
C MSE E 55 10.89 -12.78 19.29
O MSE E 55 11.40 -11.78 18.81
CB MSE E 55 8.75 -12.56 20.55
CG MSE E 55 7.25 -12.26 20.48
SE MSE E 55 6.85 -10.65 19.47
CE MSE E 55 7.59 -9.34 20.71
N GLN E 56 11.59 -13.74 19.89
CA GLN E 56 13.05 -13.63 20.00
C GLN E 56 13.73 -13.91 18.67
N GLU E 57 13.07 -14.67 17.80
CA GLU E 57 13.58 -14.90 16.45
C GLU E 57 13.48 -13.63 15.61
N LEU E 58 12.60 -12.72 16.02
CA LEU E 58 12.40 -11.47 15.30
C LEU E 58 13.22 -10.32 15.88
N GLY E 59 14.03 -10.63 16.90
CA GLY E 59 14.98 -9.67 17.42
C GLY E 59 14.65 -9.05 18.76
N PHE E 60 13.53 -9.45 19.36
CA PHE E 60 13.12 -8.91 20.65
C PHE E 60 13.90 -9.53 21.80
N THR E 61 14.22 -8.71 22.80
CA THR E 61 14.88 -9.19 24.01
C THR E 61 13.88 -9.87 24.93
N LEU E 62 14.35 -10.76 25.79
CA LEU E 62 13.51 -11.46 26.75
C LEU E 62 12.78 -10.49 27.69
N ASN E 63 13.40 -9.35 27.97
CA ASN E 63 12.80 -8.35 28.83
C ASN E 63 11.58 -7.69 28.20
N GLU E 64 11.70 -7.36 26.91
CA GLU E 64 10.60 -6.78 26.16
C GLU E 64 9.43 -7.77 26.06
N ILE E 65 9.76 -9.02 25.74
CA ILE E 65 8.78 -10.09 25.68
C ILE E 65 8.08 -10.24 27.02
N ASP E 66 8.85 -10.18 28.09
CA ASP E 66 8.31 -10.27 29.45
C ASP E 66 7.34 -9.13 29.73
N LYS E 67 7.72 -7.93 29.29
CA LYS E 67 6.88 -6.75 29.48
C LYS E 67 5.56 -6.90 28.73
N LEU E 68 5.61 -7.48 27.54
CA LEU E 68 4.40 -7.74 26.78
C LEU E 68 3.57 -8.84 27.43
N LEU E 69 4.25 -9.76 28.12
CA LEU E 69 3.57 -10.84 28.83
C LEU E 69 2.91 -10.30 30.10
N GLY E 70 3.36 -9.15 30.56
CA GLY E 70 2.76 -8.49 31.71
C GLY E 70 1.30 -8.15 31.48
N VAL E 71 0.96 -7.83 30.23
CA VAL E 71 -0.40 -7.51 29.86
C VAL E 71 -1.29 -8.75 29.94
N VAL E 72 -0.76 -9.87 29.45
CA VAL E 72 -1.48 -11.14 29.47
C VAL E 72 -1.72 -11.62 30.90
N ASP E 73 -0.73 -11.40 31.77
CA ASP E 73 -0.80 -11.86 33.16
C ASP E 73 -1.52 -10.86 34.06
N ARG E 74 -1.94 -9.73 33.48
CA ARG E 74 -2.70 -8.71 34.19
C ARG E 74 -2.00 -8.18 35.45
N ASP E 75 -0.74 -7.79 35.31
CA ASP E 75 0.00 -7.20 36.42
C ASP E 75 0.25 -5.72 36.18
N GLU E 76 -0.32 -4.88 37.04
CA GLU E 76 -0.24 -3.43 36.88
C GLU E 76 1.19 -2.89 36.94
N ALA E 77 2.06 -3.59 37.66
CA ALA E 77 3.44 -3.17 37.82
C ALA E 77 4.18 -3.12 36.48
N LYS E 78 4.02 -4.18 35.69
CA LYS E 78 4.66 -4.24 34.38
C LYS E 78 3.96 -3.33 33.36
N CYS E 79 2.66 -3.13 33.53
CA CYS E 79 1.88 -2.39 32.55
C CYS E 79 1.99 -0.89 32.72
N ARG E 80 2.74 -0.46 33.72
CA ARG E 80 3.11 0.95 33.84
C ARG E 80 4.18 1.25 32.80
N ASP E 81 4.18 2.48 32.29
CA ASP E 81 5.11 2.90 31.23
C ASP E 81 4.95 2.05 29.97
N MSE E 82 3.77 1.48 29.77
CA MSE E 82 3.51 0.65 28.59
C MSE E 82 3.44 1.51 27.33
O MSE E 82 3.89 1.10 26.26
CB MSE E 82 2.22 -0.15 28.77
CG MSE E 82 1.96 -1.17 27.67
SE MSE E 82 3.39 -2.49 27.49
CE MSE E 82 3.28 -3.30 29.26
N TYR E 83 2.89 2.70 27.48
CA TYR E 83 2.73 3.65 26.38
C TYR E 83 4.07 3.99 25.73
N ASP E 84 5.01 4.48 26.54
CA ASP E 84 6.35 4.83 26.07
C ASP E 84 7.04 3.65 25.41
N PHE E 85 6.91 2.49 26.04
CA PHE E 85 7.45 1.23 25.51
C PHE E 85 6.94 0.97 24.11
N THR E 86 5.62 1.08 23.94
CA THR E 86 5.00 0.89 22.64
C THR E 86 5.51 1.90 21.64
N ILE E 87 5.71 3.15 22.07
CA ILE E 87 6.27 4.18 21.20
C ILE E 87 7.63 3.74 20.64
N LEU E 88 8.55 3.43 21.55
CA LEU E 88 9.90 3.00 21.17
C LEU E 88 9.87 1.81 20.21
N LYS E 89 9.18 0.75 20.63
CA LYS E 89 9.13 -0.47 19.86
C LYS E 89 8.50 -0.27 18.48
N ILE E 90 7.48 0.58 18.41
CA ILE E 90 6.84 0.90 17.14
C ILE E 90 7.82 1.61 16.21
N GLU E 91 8.57 2.57 16.75
CA GLU E 91 9.58 3.26 15.97
C GLU E 91 10.62 2.28 15.39
N ASP E 92 11.23 1.51 16.27
CA ASP E 92 12.26 0.55 15.87
C ASP E 92 11.75 -0.45 14.83
N ILE E 93 10.58 -1.02 15.11
CA ILE E 93 9.97 -1.98 14.20
C ILE E 93 9.71 -1.36 12.83
N GLN E 94 9.21 -0.13 12.82
CA GLN E 94 8.93 0.57 11.57
C GLN E 94 10.20 0.73 10.73
N ARG E 95 11.26 1.21 11.36
CA ARG E 95 12.54 1.35 10.65
C ARG E 95 13.01 0.02 10.08
N LYS E 96 12.96 -1.02 10.93
CA LYS E 96 13.33 -2.37 10.50
C LYS E 96 12.54 -2.83 9.28
N ILE E 97 11.23 -2.56 9.29
CA ILE E 97 10.36 -2.97 8.20
C ILE E 97 10.73 -2.26 6.90
N GLU E 98 10.97 -0.95 6.99
CA GLU E 98 11.39 -0.18 5.83
C GLU E 98 12.68 -0.76 5.22
N ASP E 99 13.68 -0.95 6.07
CA ASP E 99 14.95 -1.51 5.62
C ASP E 99 14.78 -2.89 4.98
N LEU E 100 14.01 -3.75 5.64
CA LEU E 100 13.76 -5.10 5.13
C LEU E 100 13.08 -5.07 3.77
N LYS E 101 12.15 -4.15 3.58
CA LYS E 101 11.47 -4.01 2.30
C LYS E 101 12.44 -3.58 1.21
N ARG E 102 13.27 -2.59 1.51
CA ARG E 102 14.29 -2.17 0.55
C ARG E 102 15.20 -3.33 0.15
N ILE E 103 15.64 -4.09 1.15
CA ILE E 103 16.50 -5.25 0.93
C ILE E 103 15.79 -6.29 0.05
N GLU E 104 14.51 -6.51 0.29
CA GLU E 104 13.74 -7.47 -0.48
C GLU E 104 13.66 -7.03 -1.95
N ARG E 105 13.42 -5.75 -2.18
CA ARG E 105 13.39 -5.22 -3.54
C ARG E 105 14.75 -5.38 -4.23
N MSE E 106 15.82 -5.14 -3.46
CA MSE E 106 17.17 -5.34 -3.98
C MSE E 106 17.40 -6.79 -4.40
O MSE E 106 17.93 -7.06 -5.48
CB MSE E 106 18.20 -4.92 -2.94
CG MSE E 106 19.64 -5.20 -3.35
SE MSE E 106 20.54 -6.41 -2.12
CE MSE E 106 20.76 -5.20 -0.62
N LEU E 107 16.99 -7.72 -3.54
CA LEU E 107 17.12 -9.15 -3.81
C LEU E 107 16.30 -9.56 -5.03
N MSE E 108 15.15 -8.92 -5.21
CA MSE E 108 14.31 -9.20 -6.37
C MSE E 108 14.99 -8.71 -7.65
O MSE E 108 14.95 -9.37 -8.68
CB MSE E 108 12.94 -8.56 -6.23
CG MSE E 108 12.03 -9.27 -5.25
SE MSE E 108 10.37 -8.32 -4.92
CE MSE E 108 9.51 -9.61 -3.74
N ASP E 109 15.62 -7.53 -7.57
CA ASP E 109 16.40 -7.00 -8.68
C ASP E 109 17.50 -7.99 -9.07
N LEU E 110 18.29 -8.37 -8.07
CA LEU E 110 19.37 -9.32 -8.23
C LEU E 110 18.90 -10.63 -8.87
N LYS E 111 17.78 -11.15 -8.37
CA LYS E 111 17.17 -12.36 -8.89
C LYS E 111 16.77 -12.20 -10.36
N GLU E 112 16.19 -11.04 -10.69
CA GLU E 112 15.77 -10.75 -12.04
C GLU E 112 16.96 -10.62 -12.99
N ARG E 113 18.13 -10.36 -12.43
CA ARG E 113 19.34 -10.27 -13.24
C ARG E 113 19.94 -11.64 -13.56
N CYS E 114 19.34 -12.69 -13.01
CA CYS E 114 19.78 -14.05 -13.27
C CYS E 114 19.06 -14.67 -14.46
N PRO E 115 19.78 -15.46 -15.28
CA PRO E 115 19.18 -16.13 -16.45
C PRO E 115 18.10 -17.15 -16.05
N GLU E 116 18.30 -17.83 -14.93
CA GLU E 116 17.35 -18.83 -14.46
C GLU E 116 15.97 -18.24 -14.22
N ASN E 117 15.92 -16.93 -14.00
CA ASN E 117 14.67 -16.22 -13.76
C ASN E 117 13.78 -16.19 -15.00
N LYS E 118 14.37 -16.47 -16.16
CA LYS E 118 13.61 -16.48 -17.41
C LYS E 118 13.14 -17.88 -17.78
N ASP E 119 13.51 -18.87 -16.98
CA ASP E 119 13.14 -20.26 -17.24
C ASP E 119 11.92 -20.66 -16.42
N ILE E 120 10.97 -21.33 -17.08
CA ILE E 120 9.70 -21.69 -16.44
C ILE E 120 9.90 -22.77 -15.37
N TYR E 121 10.87 -23.65 -15.57
CA TYR E 121 11.07 -24.77 -14.67
C TYR E 121 11.87 -24.37 -13.42
N GLU E 122 12.40 -23.16 -13.42
CA GLU E 122 13.18 -22.66 -12.29
C GLU E 122 12.32 -21.88 -11.31
N CYS E 123 11.02 -21.80 -11.58
CA CYS E 123 10.09 -21.06 -10.74
C CYS E 123 9.90 -21.74 -9.38
N PRO E 124 10.06 -20.97 -8.29
CA PRO E 124 9.96 -21.47 -6.91
C PRO E 124 8.51 -21.70 -6.48
N ILE E 125 7.96 -22.87 -6.83
CA ILE E 125 6.58 -23.19 -6.52
C ILE E 125 6.40 -23.66 -5.08
N ILE E 126 7.02 -24.79 -4.74
CA ILE E 126 6.92 -25.36 -3.40
C ILE E 126 7.44 -24.38 -2.34
N GLU E 127 8.60 -23.78 -2.62
CA GLU E 127 9.28 -22.91 -1.67
C GLU E 127 8.39 -21.79 -1.12
N THR E 128 7.36 -21.46 -1.87
CA THR E 128 6.40 -20.43 -1.48
C THR E 128 5.69 -20.78 -0.17
N LEU E 129 5.21 -22.01 -0.07
CA LEU E 129 4.34 -22.38 1.05
C LEU E 129 5.08 -23.02 2.22
N MSE E 130 6.42 -23.02 2.16
CA MSE E 130 7.22 -23.56 3.25
C MSE E 130 6.91 -22.91 4.59
O MSE E 130 6.76 -23.60 5.60
CB MSE E 130 8.72 -23.39 2.96
CG MSE E 130 9.18 -23.98 1.65
SE MSE E 130 11.11 -24.30 1.51
CE MSE E 130 11.76 -22.52 1.92
N ARG F 4 -30.44 -16.40 -28.29
CA ARG F 4 -29.57 -16.26 -27.14
C ARG F 4 -29.34 -14.80 -26.77
N ILE F 5 -29.79 -13.89 -27.63
CA ILE F 5 -29.63 -12.47 -27.39
C ILE F 5 -30.55 -12.01 -26.25
N GLY F 6 -31.61 -12.78 -26.02
CA GLY F 6 -32.52 -12.50 -24.92
C GLY F 6 -31.88 -12.87 -23.59
N GLU F 7 -31.15 -13.98 -23.58
CA GLU F 7 -30.42 -14.40 -22.39
C GLU F 7 -29.19 -13.53 -22.19
N LEU F 8 -28.60 -13.10 -23.30
CA LEU F 8 -27.46 -12.18 -23.26
C LEU F 8 -27.91 -10.81 -22.76
N ALA F 9 -29.20 -10.53 -22.95
CA ALA F 9 -29.77 -9.25 -22.55
C ALA F 9 -29.77 -9.08 -21.03
N ASP F 10 -29.59 -10.17 -20.30
CA ASP F 10 -29.41 -10.09 -18.86
C ASP F 10 -27.92 -9.96 -18.67
N LYS F 11 -27.49 -8.76 -18.29
CA LYS F 11 -26.09 -8.33 -18.31
C LYS F 11 -26.06 -6.81 -18.25
N CYS F 12 -27.13 -6.20 -18.73
CA CYS F 12 -27.24 -4.75 -18.76
C CYS F 12 -27.80 -4.24 -20.08
N ASN F 15 -29.50 -3.69 -22.95
CA ASN F 15 -30.65 -4.26 -23.66
C ASN F 15 -30.27 -4.75 -25.06
N LYS F 16 -31.25 -5.22 -25.79
CA LYS F 16 -31.01 -5.82 -27.12
C LYS F 16 -30.59 -4.79 -28.17
N GLU F 17 -31.20 -3.61 -28.17
CA GLU F 17 -30.80 -2.56 -29.10
C GLU F 17 -29.37 -2.11 -28.84
N THR F 18 -28.99 -2.07 -27.57
CA THR F 18 -27.62 -1.70 -27.21
C THR F 18 -26.65 -2.76 -27.72
N ILE F 19 -27.08 -4.00 -27.69
CA ILE F 19 -26.27 -5.11 -28.20
C ILE F 19 -26.10 -5.01 -29.71
N ARG F 20 -27.19 -4.73 -30.42
CA ARG F 20 -27.12 -4.55 -31.87
C ARG F 20 -26.28 -3.32 -32.23
N TYR F 21 -26.32 -2.33 -31.36
CA TYR F 21 -25.54 -1.11 -31.53
C TYR F 21 -24.05 -1.42 -31.39
N TYR F 22 -23.72 -2.25 -30.40
CA TYR F 22 -22.33 -2.67 -30.20
C TYR F 22 -21.85 -3.57 -31.34
N GLU F 23 -22.77 -4.37 -31.89
CA GLU F 23 -22.44 -5.22 -33.02
C GLU F 23 -22.17 -4.39 -34.26
N ARG F 24 -22.95 -3.33 -34.42
CA ARG F 24 -22.81 -2.42 -35.56
C ARG F 24 -21.52 -1.61 -35.46
N LEU F 25 -21.10 -1.33 -34.22
CA LEU F 25 -19.83 -0.64 -33.99
C LEU F 25 -18.65 -1.60 -34.09
N GLY F 26 -18.96 -2.90 -34.11
CA GLY F 26 -17.92 -3.91 -34.17
C GLY F 26 -17.32 -4.20 -32.82
N LEU F 27 -18.05 -3.87 -31.76
CA LEU F 27 -17.58 -4.11 -30.40
C LEU F 27 -17.77 -5.57 -30.00
N ILE F 28 -18.81 -6.20 -30.52
CA ILE F 28 -19.07 -7.61 -30.26
C ILE F 28 -19.43 -8.34 -31.55
N PRO F 29 -18.96 -9.59 -31.69
CA PRO F 29 -19.22 -10.41 -32.88
C PRO F 29 -20.71 -10.67 -33.10
N GLU F 30 -21.09 -10.92 -34.35
CA GLU F 30 -22.48 -11.19 -34.69
C GLU F 30 -22.77 -12.68 -34.68
N MSE F 40 -24.94 -12.33 -29.44
CA MSE F 40 -25.34 -13.68 -29.84
C MSE F 40 -25.03 -14.71 -28.74
O MSE F 40 -25.01 -14.37 -27.56
CB MSE F 40 -24.63 -14.08 -31.14
N TYR F 41 -24.78 -15.94 -29.16
CA TYR F 41 -24.57 -17.03 -28.22
C TYR F 41 -23.10 -17.32 -27.92
N SER F 42 -22.68 -17.02 -26.69
CA SER F 42 -21.38 -17.41 -26.16
C SER F 42 -21.21 -16.91 -24.74
N GLN F 43 -20.32 -17.54 -23.98
CA GLN F 43 -19.97 -17.07 -22.64
C GLN F 43 -18.91 -15.98 -22.76
N GLN F 44 -18.02 -16.15 -23.73
CA GLN F 44 -16.98 -15.17 -24.01
C GLN F 44 -17.60 -13.83 -24.40
N THR F 45 -18.70 -13.89 -25.14
CA THR F 45 -19.44 -12.69 -25.54
C THR F 45 -20.05 -12.03 -24.31
N VAL F 46 -20.51 -12.84 -23.36
CA VAL F 46 -21.04 -12.32 -22.10
C VAL F 46 -19.96 -11.56 -21.35
N ASP F 47 -18.79 -12.19 -21.21
CA ASP F 47 -17.65 -11.56 -20.54
C ASP F 47 -17.23 -10.26 -21.21
N ARG F 48 -17.16 -10.29 -22.55
CA ARG F 48 -16.79 -9.11 -23.32
C ARG F 48 -17.79 -7.97 -23.15
N LEU F 49 -19.08 -8.32 -23.17
CA LEU F 49 -20.14 -7.33 -23.03
C LEU F 49 -20.11 -6.70 -21.64
N HIS F 50 -19.91 -7.52 -20.63
CA HIS F 50 -19.74 -7.03 -19.26
C HIS F 50 -18.55 -6.08 -19.18
N PHE F 51 -17.47 -6.45 -19.86
CA PHE F 51 -16.29 -5.61 -19.93
C PHE F 51 -16.62 -4.23 -20.51
N ILE F 52 -17.25 -4.21 -21.69
CA ILE F 52 -17.63 -2.96 -22.33
C ILE F 52 -18.50 -2.10 -21.41
N LYS F 53 -19.52 -2.72 -20.82
CA LYS F 53 -20.44 -2.02 -19.93
C LYS F 53 -19.71 -1.38 -18.75
N ARG F 54 -18.96 -2.18 -17.99
CA ARG F 54 -18.28 -1.68 -16.81
C ARG F 54 -17.21 -0.63 -17.16
N MSE F 55 -16.53 -0.84 -18.28
CA MSE F 55 -15.54 0.12 -18.76
C MSE F 55 -16.21 1.47 -19.04
O MSE F 55 -15.65 2.52 -18.73
CB MSE F 55 -14.84 -0.38 -20.01
CG MSE F 55 -13.82 -1.48 -19.77
SE MSE F 55 -12.23 -0.89 -18.81
CE MSE F 55 -11.44 0.19 -20.22
N GLN F 56 -17.39 1.42 -19.63
CA GLN F 56 -18.15 2.64 -19.88
C GLN F 56 -18.59 3.29 -18.57
N GLU F 57 -18.92 2.47 -17.59
CA GLU F 57 -19.33 2.97 -16.28
C GLU F 57 -18.20 3.71 -15.57
N LEU F 58 -16.96 3.33 -15.87
CA LEU F 58 -15.80 3.88 -15.19
C LEU F 58 -15.18 5.08 -15.91
N GLY F 59 -15.83 5.52 -16.99
CA GLY F 59 -15.41 6.74 -17.67
C GLY F 59 -14.72 6.57 -19.00
N PHE F 60 -14.60 5.35 -19.48
CA PHE F 60 -13.96 5.09 -20.77
C PHE F 60 -14.93 5.25 -21.93
N THR F 61 -14.49 5.93 -22.99
CA THR F 61 -15.30 6.13 -24.18
C THR F 61 -15.34 4.89 -25.06
N LEU F 62 -16.36 4.80 -25.92
CA LEU F 62 -16.53 3.67 -26.81
C LEU F 62 -15.36 3.49 -27.77
N ASN F 63 -14.73 4.58 -28.17
CA ASN F 63 -13.57 4.53 -29.04
C ASN F 63 -12.38 3.87 -28.34
N GLU F 64 -12.15 4.27 -27.09
CA GLU F 64 -11.08 3.70 -26.27
C GLU F 64 -11.29 2.20 -26.06
N ILE F 65 -12.50 1.84 -25.64
CA ILE F 65 -12.86 0.45 -25.41
C ILE F 65 -12.71 -0.36 -26.69
N ASP F 66 -13.07 0.26 -27.82
CA ASP F 66 -12.90 -0.37 -29.13
C ASP F 66 -11.43 -0.64 -29.40
N LYS F 67 -10.59 0.33 -29.09
CA LYS F 67 -9.14 0.20 -29.31
C LYS F 67 -8.55 -0.90 -28.44
N LEU F 68 -9.03 -1.00 -27.21
CA LEU F 68 -8.58 -2.07 -26.31
C LEU F 68 -9.03 -3.43 -26.79
N LEU F 69 -10.27 -3.51 -27.29
CA LEU F 69 -10.79 -4.76 -27.82
C LEU F 69 -10.17 -5.10 -29.17
N GLY F 70 -9.44 -4.14 -29.73
CA GLY F 70 -8.70 -4.39 -30.96
C GLY F 70 -7.57 -5.38 -30.72
N VAL F 71 -7.08 -5.40 -29.48
CA VAL F 71 -6.02 -6.33 -29.10
C VAL F 71 -6.55 -7.75 -29.00
N VAL F 72 -7.75 -7.89 -28.44
CA VAL F 72 -8.39 -9.19 -28.29
C VAL F 72 -8.72 -9.79 -29.65
N ASP F 73 -9.13 -8.93 -30.59
CA ASP F 73 -9.48 -9.37 -31.93
C ASP F 73 -8.25 -9.51 -32.82
N ARG F 74 -7.08 -9.19 -32.26
CA ARG F 74 -5.82 -9.21 -32.99
C ARG F 74 -5.90 -8.31 -34.23
N ASP F 75 -6.39 -7.08 -34.03
CA ASP F 75 -6.50 -6.12 -35.11
C ASP F 75 -5.24 -5.25 -35.11
N GLU F 76 -4.40 -5.42 -36.13
CA GLU F 76 -3.12 -4.72 -36.19
C GLU F 76 -3.32 -3.22 -36.35
N ALA F 77 -4.32 -2.84 -37.14
CA ALA F 77 -4.57 -1.44 -37.47
C ALA F 77 -4.81 -0.58 -36.23
N LYS F 78 -5.78 -0.96 -35.42
CA LYS F 78 -6.14 -0.18 -34.24
C LYS F 78 -5.24 -0.51 -33.04
N CYS F 79 -4.31 -1.44 -33.23
CA CYS F 79 -3.33 -1.74 -32.20
C CYS F 79 -2.10 -0.84 -32.34
N ARG F 80 -2.13 0.03 -33.34
CA ARG F 80 -1.04 0.96 -33.59
C ARG F 80 -1.05 2.07 -32.54
N ASP F 81 0.14 2.56 -32.18
CA ASP F 81 0.29 3.61 -31.18
C ASP F 81 -0.37 3.23 -29.86
N MSE F 82 -0.35 1.94 -29.54
CA MSE F 82 -0.91 1.43 -28.29
C MSE F 82 -0.13 1.94 -27.09
O MSE F 82 -0.69 2.13 -26.01
CB MSE F 82 -0.94 -0.11 -28.31
CG MSE F 82 -1.66 -0.74 -27.12
SE MSE F 82 -3.56 -0.27 -27.05
CE MSE F 82 -4.12 -1.03 -28.74
N TYR F 83 1.16 2.17 -27.30
CA TYR F 83 2.07 2.62 -26.25
C TYR F 83 1.65 3.96 -25.63
N ASP F 84 1.52 4.96 -26.49
CA ASP F 84 1.12 6.31 -26.04
C ASP F 84 -0.26 6.28 -25.39
N PHE F 85 -1.14 5.44 -25.94
CA PHE F 85 -2.47 5.24 -25.39
C PHE F 85 -2.39 4.74 -23.95
N THR F 86 -1.55 3.73 -23.75
CA THR F 86 -1.33 3.17 -22.41
C THR F 86 -0.78 4.22 -21.46
N ILE F 87 0.21 4.99 -21.91
CA ILE F 87 0.78 6.05 -21.08
C ILE F 87 -0.30 7.02 -20.61
N LEU F 88 -1.03 7.58 -21.58
CA LEU F 88 -2.14 8.49 -21.33
C LEU F 88 -3.11 7.94 -20.29
N LYS F 89 -3.72 6.80 -20.62
CA LYS F 89 -4.73 6.19 -19.76
C LYS F 89 -4.21 5.87 -18.37
N ILE F 90 -2.97 5.39 -18.29
CA ILE F 90 -2.35 5.08 -17.00
C ILE F 90 -2.22 6.33 -16.14
N GLU F 91 -1.76 7.42 -16.73
CA GLU F 91 -1.63 8.66 -15.98
C GLU F 91 -2.98 9.15 -15.47
N ASP F 92 -3.94 9.25 -16.39
CA ASP F 92 -5.29 9.71 -16.05
C ASP F 92 -5.91 8.88 -14.92
N ILE F 93 -5.85 7.55 -15.08
CA ILE F 93 -6.47 6.64 -14.12
C ILE F 93 -5.73 6.67 -12.78
N GLN F 94 -4.43 6.98 -12.82
CA GLN F 94 -3.65 7.09 -11.58
C GLN F 94 -4.09 8.32 -10.80
N ARG F 95 -4.27 9.44 -11.51
CA ARG F 95 -4.79 10.65 -10.90
C ARG F 95 -6.15 10.38 -10.26
N LYS F 96 -7.03 9.73 -11.03
CA LYS F 96 -8.34 9.36 -10.54
C LYS F 96 -8.26 8.52 -9.26
N ILE F 97 -7.40 7.51 -9.27
CA ILE F 97 -7.24 6.63 -8.11
C ILE F 97 -6.78 7.38 -6.87
N GLU F 98 -5.79 8.26 -7.02
CA GLU F 98 -5.33 9.08 -5.90
C GLU F 98 -6.49 9.90 -5.31
N ASP F 99 -7.16 10.65 -6.19
CA ASP F 99 -8.28 11.48 -5.77
C ASP F 99 -9.34 10.66 -5.02
N LEU F 100 -9.74 9.54 -5.60
CA LEU F 100 -10.75 8.68 -5.01
C LEU F 100 -10.35 8.12 -3.65
N LYS F 101 -9.07 7.76 -3.52
CA LYS F 101 -8.57 7.26 -2.25
C LYS F 101 -8.75 8.32 -1.18
N ARG F 102 -8.40 9.55 -1.52
CA ARG F 102 -8.47 10.67 -0.57
C ARG F 102 -9.91 10.98 -0.20
N ILE F 103 -10.80 10.93 -1.19
CA ILE F 103 -12.22 11.14 -0.94
C ILE F 103 -12.74 10.06 0.00
N GLU F 104 -12.27 8.84 -0.20
CA GLU F 104 -12.68 7.73 0.65
C GLU F 104 -12.24 7.96 2.10
N ARG F 105 -10.99 8.40 2.28
CA ARG F 105 -10.51 8.71 3.63
C ARG F 105 -11.30 9.85 4.25
N MSE F 106 -11.73 10.80 3.42
CA MSE F 106 -12.58 11.90 3.87
C MSE F 106 -13.91 11.37 4.41
O MSE F 106 -14.34 11.72 5.51
CB MSE F 106 -12.82 12.90 2.74
CG MSE F 106 -13.71 14.07 3.13
SE MSE F 106 -15.13 14.43 1.82
CE MSE F 106 -14.04 14.92 0.29
N LEU F 107 -14.55 10.54 3.60
CA LEU F 107 -15.83 9.93 3.96
C LEU F 107 -15.70 9.08 5.23
N MSE F 108 -14.55 8.44 5.39
CA MSE F 108 -14.29 7.66 6.58
C MSE F 108 -14.12 8.55 7.80
O MSE F 108 -14.54 8.20 8.90
CB MSE F 108 -13.05 6.78 6.40
CG MSE F 108 -13.29 5.59 5.48
SE MSE F 108 -11.64 4.63 5.05
CE MSE F 108 -12.42 3.08 4.18
N ASP F 109 -13.50 9.72 7.60
CA ASP F 109 -13.36 10.72 8.65
C ASP F 109 -14.75 11.14 9.13
N LEU F 110 -15.57 11.59 8.18
CA LEU F 110 -16.95 11.97 8.47
C LEU F 110 -17.71 10.86 9.19
N LYS F 111 -17.56 9.64 8.71
CA LYS F 111 -18.21 8.47 9.30
C LYS F 111 -17.80 8.28 10.76
N GLU F 112 -16.50 8.38 11.02
CA GLU F 112 -15.97 8.22 12.36
C GLU F 112 -16.41 9.36 13.28
N ARG F 113 -16.80 10.48 12.69
CA ARG F 113 -17.29 11.60 13.49
C ARG F 113 -18.76 11.46 13.88
N CYS F 114 -19.41 10.39 13.42
CA CYS F 114 -20.79 10.11 13.78
C CYS F 114 -20.89 9.25 15.03
N PRO F 115 -21.95 9.44 15.83
CA PRO F 115 -22.19 8.63 17.03
C PRO F 115 -22.40 7.15 16.69
N GLU F 116 -23.16 6.90 15.62
CA GLU F 116 -23.49 5.54 15.19
C GLU F 116 -22.25 4.70 14.93
N ASN F 117 -21.13 5.36 14.67
CA ASN F 117 -19.87 4.69 14.39
C ASN F 117 -19.34 3.92 15.60
N LYS F 118 -19.75 4.34 16.80
CA LYS F 118 -19.32 3.66 18.01
C LYS F 118 -20.28 2.52 18.38
N ASP F 119 -21.42 2.47 17.71
CA ASP F 119 -22.46 1.51 18.02
C ASP F 119 -22.31 0.20 17.25
N ILE F 120 -22.40 -0.91 17.97
CA ILE F 120 -22.15 -2.23 17.40
C ILE F 120 -23.23 -2.64 16.40
N TYR F 121 -24.48 -2.34 16.68
CA TYR F 121 -25.60 -2.71 15.81
C TYR F 121 -25.61 -1.89 14.52
N GLU F 122 -24.84 -0.81 14.49
CA GLU F 122 -24.79 0.07 13.32
C GLU F 122 -23.63 -0.29 12.39
N CYS F 123 -22.91 -1.35 12.70
CA CYS F 123 -21.81 -1.80 11.86
C CYS F 123 -22.34 -2.32 10.53
N PRO F 124 -21.76 -1.83 9.41
CA PRO F 124 -22.18 -2.23 8.06
C PRO F 124 -21.66 -3.60 7.64
N ILE F 125 -22.31 -4.66 8.11
CA ILE F 125 -21.88 -6.03 7.79
C ILE F 125 -22.24 -6.45 6.37
N ILE F 126 -23.50 -6.27 5.99
CA ILE F 126 -23.99 -6.71 4.68
C ILE F 126 -23.39 -5.89 3.55
N GLU F 127 -23.22 -4.60 3.79
CA GLU F 127 -22.72 -3.67 2.78
C GLU F 127 -21.31 -4.03 2.30
N THR F 128 -20.62 -4.85 3.09
CA THR F 128 -19.24 -5.25 2.77
C THR F 128 -19.14 -5.97 1.43
N LEU F 129 -19.95 -7.00 1.24
CA LEU F 129 -19.84 -7.86 0.05
C LEU F 129 -20.79 -7.50 -1.10
N MSE F 130 -21.58 -6.44 -0.94
CA MSE F 130 -22.51 -6.03 -1.99
C MSE F 130 -21.79 -5.75 -3.31
O MSE F 130 -21.83 -4.63 -3.82
CB MSE F 130 -23.31 -4.80 -1.56
CG MSE F 130 -24.18 -5.00 -0.34
SE MSE F 130 -25.34 -3.47 -0.02
CE MSE F 130 -24.11 -2.05 -0.51
N ARG G 4 -42.38 -13.34 -5.34
CA ARG G 4 -41.15 -13.13 -6.11
C ARG G 4 -40.04 -14.04 -5.62
N ILE G 5 -40.39 -15.25 -5.19
CA ILE G 5 -39.41 -16.20 -4.71
C ILE G 5 -38.51 -16.67 -5.83
N GLY G 6 -39.06 -16.78 -7.04
CA GLY G 6 -38.28 -17.16 -8.20
C GLY G 6 -37.47 -16.00 -8.73
N GLU G 7 -37.94 -14.79 -8.47
CA GLU G 7 -37.23 -13.58 -8.87
C GLU G 7 -36.12 -13.25 -7.87
N LEU G 8 -36.24 -13.81 -6.67
CA LEU G 8 -35.23 -13.64 -5.63
C LEU G 8 -34.09 -14.63 -5.85
N ALA G 9 -34.25 -15.46 -6.87
CA ALA G 9 -33.29 -16.52 -7.17
C ALA G 9 -32.20 -16.07 -8.14
N ASP G 10 -32.19 -14.80 -8.49
CA ASP G 10 -31.21 -14.29 -9.45
C ASP G 10 -29.77 -14.38 -8.93
N ASN G 15 -29.93 -21.06 -6.25
CA ASN G 15 -31.10 -21.92 -6.48
C ASN G 15 -32.25 -21.56 -5.55
N LYS G 16 -33.45 -21.95 -5.95
CA LYS G 16 -34.66 -21.64 -5.18
C LYS G 16 -34.79 -22.54 -3.96
N GLU G 17 -34.32 -23.78 -4.08
CA GLU G 17 -34.43 -24.73 -2.98
C GLU G 17 -33.50 -24.38 -1.83
N THR G 18 -32.42 -23.67 -2.14
CA THR G 18 -31.46 -23.25 -1.13
C THR G 18 -31.88 -21.96 -0.44
N ILE G 19 -32.84 -21.25 -1.03
CA ILE G 19 -33.45 -20.10 -0.37
C ILE G 19 -34.21 -20.62 0.84
N ARG G 20 -34.99 -21.68 0.62
CA ARG G 20 -35.51 -22.47 1.71
C ARG G 20 -34.32 -23.20 2.33
N TYR G 21 -34.46 -23.58 3.60
CA TYR G 21 -33.39 -24.18 4.41
C TYR G 21 -32.38 -23.12 4.85
N TYR G 22 -32.38 -21.98 4.17
CA TYR G 22 -31.72 -20.78 4.70
C TYR G 22 -32.68 -20.12 5.67
N GLU G 23 -33.97 -20.17 5.32
CA GLU G 23 -35.03 -19.65 6.17
C GLU G 23 -35.32 -20.63 7.30
N ARG G 24 -35.03 -21.91 7.07
CA ARG G 24 -35.24 -22.94 8.07
C ARG G 24 -34.13 -22.88 9.12
N LEU G 25 -32.99 -22.33 8.74
CA LEU G 25 -31.87 -22.14 9.66
C LEU G 25 -31.93 -20.77 10.35
N GLY G 26 -32.85 -19.93 9.88
CA GLY G 26 -33.01 -18.60 10.46
C GLY G 26 -32.14 -17.55 9.82
N LEU G 27 -31.47 -17.91 8.73
CA LEU G 27 -30.60 -16.98 8.02
C LEU G 27 -31.42 -15.97 7.21
N ILE G 28 -32.53 -16.44 6.65
CA ILE G 28 -33.40 -15.61 5.83
C ILE G 28 -34.79 -15.43 6.46
N PRO G 29 -35.16 -14.18 6.75
CA PRO G 29 -36.50 -13.87 7.26
C PRO G 29 -37.60 -14.36 6.31
N GLU G 30 -38.75 -14.75 6.87
CA GLU G 30 -39.85 -15.26 6.06
C GLU G 30 -40.56 -14.12 5.33
N SER G 42 -37.83 -8.26 -1.19
CA SER G 42 -37.44 -7.33 -0.14
C SER G 42 -36.24 -6.48 -0.56
N GLN G 43 -35.35 -7.09 -1.35
CA GLN G 43 -34.13 -6.48 -1.87
C GLN G 43 -33.06 -6.32 -0.78
N GLN G 44 -33.49 -6.38 0.47
CA GLN G 44 -32.57 -6.53 1.59
C GLN G 44 -32.21 -8.00 1.70
N THR G 45 -33.21 -8.84 1.38
CA THR G 45 -33.04 -10.28 1.36
C THR G 45 -32.08 -10.68 0.24
N VAL G 46 -32.08 -9.91 -0.83
CA VAL G 46 -31.17 -10.15 -1.95
C VAL G 46 -29.72 -9.93 -1.52
N ASP G 47 -29.46 -8.76 -0.96
CA ASP G 47 -28.12 -8.41 -0.49
C ASP G 47 -27.66 -9.38 0.61
N ARG G 48 -28.55 -9.69 1.53
CA ARG G 48 -28.26 -10.62 2.61
C ARG G 48 -27.93 -12.01 2.05
N LEU G 49 -28.67 -12.41 1.02
CA LEU G 49 -28.46 -13.72 0.39
C LEU G 49 -27.11 -13.79 -0.30
N HIS G 50 -26.78 -12.75 -1.07
CA HIS G 50 -25.47 -12.70 -1.72
C HIS G 50 -24.36 -12.67 -0.69
N PHE G 51 -24.63 -12.02 0.44
CA PHE G 51 -23.68 -11.99 1.55
C PHE G 51 -23.43 -13.40 2.05
N ILE G 52 -24.51 -14.13 2.34
CA ILE G 52 -24.42 -15.51 2.80
C ILE G 52 -23.63 -16.38 1.83
N LYS G 53 -24.03 -16.35 0.56
CA LYS G 53 -23.39 -17.13 -0.50
C LYS G 53 -21.90 -16.82 -0.60
N ARG G 54 -21.56 -15.55 -0.74
CA ARG G 54 -20.17 -15.14 -0.92
C ARG G 54 -19.32 -15.47 0.30
N MSE G 55 -19.90 -15.29 1.49
CA MSE G 55 -19.21 -15.64 2.73
C MSE G 55 -18.91 -17.14 2.76
O MSE G 55 -17.83 -17.55 3.20
CB MSE G 55 -20.03 -15.24 3.96
CG MSE G 55 -20.07 -13.75 4.23
SE MSE G 55 -18.36 -13.00 4.78
CE MSE G 55 -18.31 -13.69 6.60
N GLN G 56 -19.86 -17.94 2.30
CA GLN G 56 -19.64 -19.38 2.19
C GLN G 56 -18.51 -19.70 1.21
N GLU G 57 -18.51 -19.00 0.08
CA GLU G 57 -17.49 -19.24 -0.95
C GLU G 57 -16.09 -18.90 -0.46
N LEU G 58 -15.99 -17.99 0.50
CA LEU G 58 -14.69 -17.53 0.98
C LEU G 58 -14.20 -18.31 2.20
N GLY G 59 -14.95 -19.34 2.59
CA GLY G 59 -14.50 -20.24 3.64
C GLY G 59 -15.14 -20.05 5.00
N PHE G 60 -16.17 -19.20 5.08
CA PHE G 60 -16.87 -18.98 6.33
C PHE G 60 -18.01 -19.97 6.51
N THR G 61 -18.08 -20.58 7.69
CA THR G 61 -19.14 -21.54 8.00
C THR G 61 -20.46 -20.83 8.24
N LEU G 62 -21.56 -21.58 8.12
CA LEU G 62 -22.91 -21.03 8.30
C LEU G 62 -23.13 -20.47 9.70
N ASN G 63 -22.45 -21.04 10.69
CA ASN G 63 -22.57 -20.57 12.06
C ASN G 63 -21.96 -19.18 12.24
N GLU G 64 -20.79 -18.97 11.64
CA GLU G 64 -20.11 -17.68 11.69
C GLU G 64 -20.94 -16.61 10.98
N ILE G 65 -21.44 -16.96 9.78
CA ILE G 65 -22.31 -16.09 9.03
C ILE G 65 -23.54 -15.71 9.83
N ASP G 66 -24.17 -16.71 10.45
CA ASP G 66 -25.35 -16.49 11.29
C ASP G 66 -25.05 -15.56 12.45
N LYS G 67 -23.90 -15.75 13.08
CA LYS G 67 -23.48 -14.92 14.19
C LYS G 67 -23.30 -13.47 13.76
N LEU G 68 -22.69 -13.27 12.60
CA LEU G 68 -22.53 -11.92 12.05
C LEU G 68 -23.88 -11.31 11.70
N LEU G 69 -24.81 -12.15 11.25
CA LEU G 69 -26.17 -11.70 10.92
C LEU G 69 -26.94 -11.35 12.19
N GLY G 70 -26.48 -11.87 13.32
CA GLY G 70 -27.07 -11.55 14.60
C GLY G 70 -26.91 -10.08 14.93
N VAL G 71 -25.82 -9.49 14.44
CA VAL G 71 -25.58 -8.07 14.62
C VAL G 71 -26.57 -7.26 13.79
N VAL G 72 -26.86 -7.75 12.59
CA VAL G 72 -27.83 -7.10 11.70
C VAL G 72 -29.24 -7.16 12.28
N ASP G 73 -29.58 -8.31 12.86
CA ASP G 73 -30.92 -8.53 13.40
C ASP G 73 -31.06 -7.99 14.82
N ARG G 74 -29.98 -7.39 15.32
CA ARG G 74 -29.95 -6.86 16.68
C ARG G 74 -30.27 -7.93 17.72
N ASP G 75 -29.69 -9.10 17.53
CA ASP G 75 -29.93 -10.21 18.46
C ASP G 75 -28.84 -10.19 19.53
N GLU G 76 -29.22 -9.85 20.75
CA GLU G 76 -28.27 -9.68 21.85
C GLU G 76 -27.63 -11.01 22.24
N ALA G 77 -28.42 -12.08 22.14
CA ALA G 77 -27.96 -13.41 22.52
C ALA G 77 -26.71 -13.84 21.77
N LYS G 78 -26.78 -13.81 20.45
CA LYS G 78 -25.65 -14.25 19.63
C LYS G 78 -24.62 -13.14 19.40
N CYS G 79 -24.95 -11.92 19.83
CA CYS G 79 -24.01 -10.81 19.74
C CYS G 79 -22.98 -10.81 20.86
N ARG G 80 -23.32 -11.48 21.96
CA ARG G 80 -22.39 -11.56 23.09
C ARG G 80 -21.14 -12.33 22.68
N ASP G 81 -20.02 -12.01 23.33
CA ASP G 81 -18.71 -12.59 23.01
C ASP G 81 -18.35 -12.33 21.55
N MSE G 82 -18.66 -11.13 21.08
CA MSE G 82 -18.36 -10.73 19.71
C MSE G 82 -16.88 -10.40 19.56
O MSE G 82 -16.28 -10.62 18.51
CB MSE G 82 -19.21 -9.51 19.32
CG MSE G 82 -19.19 -9.19 17.83
SE MSE G 82 -20.00 -10.58 16.74
CE MSE G 82 -18.45 -11.01 15.65
N TYR G 83 -16.30 -9.85 20.63
CA TYR G 83 -14.92 -9.40 20.65
C TYR G 83 -13.93 -10.53 20.31
N ASP G 84 -14.02 -11.62 21.06
CA ASP G 84 -13.12 -12.76 20.87
C ASP G 84 -13.27 -13.35 19.46
N PHE G 85 -14.51 -13.42 18.99
CA PHE G 85 -14.80 -13.90 17.64
C PHE G 85 -14.11 -13.04 16.60
N THR G 86 -14.21 -11.73 16.77
CA THR G 86 -13.56 -10.79 15.87
C THR G 86 -12.05 -10.99 15.88
N ILE G 87 -11.46 -11.11 17.07
CA ILE G 87 -10.04 -11.38 17.20
C ILE G 87 -9.62 -12.61 16.38
N LEU G 88 -10.29 -13.73 16.68
CA LEU G 88 -10.01 -14.99 16.03
C LEU G 88 -10.09 -14.90 14.49
N LYS G 89 -11.23 -14.43 14.01
CA LYS G 89 -11.46 -14.36 12.56
C LYS G 89 -10.54 -13.36 11.87
N ILE G 90 -10.13 -12.33 12.59
CA ILE G 90 -9.19 -11.36 12.04
C ILE G 90 -7.81 -11.99 11.85
N GLU G 91 -7.33 -12.70 12.87
CA GLU G 91 -6.06 -13.42 12.74
C GLU G 91 -6.13 -14.42 11.57
N ASP G 92 -7.19 -15.22 11.58
CA ASP G 92 -7.44 -16.23 10.55
C ASP G 92 -7.38 -15.64 9.14
N ILE G 93 -8.20 -14.61 8.92
CA ILE G 93 -8.35 -14.01 7.60
C ILE G 93 -7.08 -13.27 7.18
N GLN G 94 -6.33 -12.74 8.15
CA GLN G 94 -5.08 -12.06 7.84
C GLN G 94 -4.07 -13.08 7.30
N ARG G 95 -3.93 -14.19 8.02
CA ARG G 95 -3.04 -15.26 7.58
C ARG G 95 -3.42 -15.76 6.18
N LYS G 96 -4.70 -16.03 5.97
CA LYS G 96 -5.14 -16.51 4.66
C LYS G 96 -4.87 -15.48 3.56
N ILE G 97 -5.09 -14.20 3.85
CA ILE G 97 -4.82 -13.14 2.89
C ILE G 97 -3.35 -13.12 2.49
N GLU G 98 -2.46 -13.20 3.49
CA GLU G 98 -1.03 -13.23 3.22
C GLU G 98 -0.66 -14.42 2.33
N ASP G 99 -1.17 -15.60 2.68
CA ASP G 99 -0.93 -16.79 1.87
C ASP G 99 -1.39 -16.61 0.42
N LEU G 100 -2.60 -16.08 0.25
CA LEU G 100 -3.17 -15.86 -1.08
C LEU G 100 -2.34 -14.86 -1.89
N LYS G 101 -1.81 -13.85 -1.22
CA LYS G 101 -0.94 -12.88 -1.89
C LYS G 101 0.35 -13.55 -2.36
N ARG G 102 0.93 -14.38 -1.50
CA ARG G 102 2.14 -15.11 -1.89
C ARG G 102 1.88 -16.01 -3.10
N ILE G 103 0.78 -16.75 -3.07
CA ILE G 103 0.41 -17.63 -4.17
C ILE G 103 0.20 -16.83 -5.45
N GLU G 104 -0.44 -15.67 -5.32
CA GLU G 104 -0.68 -14.79 -6.47
C GLU G 104 0.62 -14.34 -7.09
N ARG G 105 1.57 -13.93 -6.25
CA ARG G 105 2.87 -13.51 -6.73
C ARG G 105 3.62 -14.67 -7.41
N MSE G 106 3.41 -15.87 -6.89
CA MSE G 106 3.98 -17.07 -7.51
C MSE G 106 3.42 -17.27 -8.91
O MSE G 106 4.18 -17.45 -9.88
CB MSE G 106 3.71 -18.31 -6.66
CG MSE G 106 4.19 -19.60 -7.30
SE MSE G 106 2.94 -21.07 -7.12
CE MSE G 106 3.00 -21.30 -5.18
N LEU G 107 2.09 -17.23 -9.02
CA LEU G 107 1.42 -17.40 -10.31
C LEU G 107 1.82 -16.32 -11.30
N MSE G 108 2.08 -15.12 -10.79
CA MSE G 108 2.54 -14.02 -11.63
C MSE G 108 3.97 -14.27 -12.11
O MSE G 108 4.31 -13.95 -13.25
CB MSE G 108 2.46 -12.70 -10.87
CG MSE G 108 1.05 -12.17 -10.70
SE MSE G 108 0.97 -10.52 -9.67
CE MSE G 108 -0.88 -10.03 -10.01
N ASP G 109 4.79 -14.83 -11.23
CA ASP G 109 6.16 -15.19 -11.60
C ASP G 109 6.14 -16.22 -12.72
N LEU G 110 5.31 -17.24 -12.55
CA LEU G 110 5.18 -18.30 -13.54
C LEU G 110 4.65 -17.76 -14.86
N LYS G 111 3.67 -16.87 -14.77
CA LYS G 111 3.08 -16.21 -15.94
C LYS G 111 4.13 -15.39 -16.71
N GLU G 112 4.98 -14.68 -15.98
CA GLU G 112 6.01 -13.85 -16.58
C GLU G 112 7.08 -14.68 -17.30
N ARG G 113 7.21 -15.94 -16.90
CA ARG G 113 8.21 -16.82 -17.49
C ARG G 113 7.68 -17.51 -18.74
N CYS G 114 6.43 -17.24 -19.09
CA CYS G 114 5.82 -17.79 -20.30
C CYS G 114 6.05 -16.86 -21.49
N PRO G 115 6.26 -17.45 -22.68
CA PRO G 115 6.46 -16.70 -23.93
C PRO G 115 5.30 -15.76 -24.24
N GLU G 116 4.07 -16.26 -24.06
CA GLU G 116 2.87 -15.51 -24.37
C GLU G 116 2.80 -14.18 -23.62
N ASN G 117 3.45 -14.13 -22.45
CA ASN G 117 3.46 -12.93 -21.64
C ASN G 117 4.14 -11.77 -22.35
N LYS G 118 5.05 -12.08 -23.27
CA LYS G 118 5.73 -11.04 -24.04
C LYS G 118 4.88 -10.57 -25.24
N ASP G 119 3.92 -11.40 -25.64
CA ASP G 119 3.10 -11.09 -26.81
C ASP G 119 1.98 -10.12 -26.44
N ILE G 120 1.81 -9.08 -27.25
CA ILE G 120 0.82 -8.04 -26.99
C ILE G 120 -0.61 -8.57 -27.10
N TYR G 121 -0.85 -9.41 -28.11
CA TYR G 121 -2.20 -9.94 -28.36
C TYR G 121 -2.61 -10.98 -27.32
N GLU G 122 -1.67 -11.38 -26.48
CA GLU G 122 -1.94 -12.36 -25.43
C GLU G 122 -2.27 -11.70 -24.10
N CYS G 123 -2.32 -10.36 -24.09
CA CYS G 123 -2.63 -9.61 -22.88
C CYS G 123 -4.07 -9.86 -22.45
N PRO G 124 -4.27 -10.21 -21.16
CA PRO G 124 -5.60 -10.48 -20.59
C PRO G 124 -6.41 -9.20 -20.33
N ILE G 125 -7.06 -8.69 -21.37
CA ILE G 125 -7.84 -7.46 -21.25
C ILE G 125 -9.19 -7.68 -20.55
N ILE G 126 -10.06 -8.49 -21.15
CA ILE G 126 -11.40 -8.72 -20.62
C ILE G 126 -11.37 -9.31 -19.20
N GLU G 127 -10.46 -10.26 -18.99
CA GLU G 127 -10.33 -10.96 -17.70
C GLU G 127 -10.22 -10.00 -16.52
N THR G 128 -9.72 -8.80 -16.79
CA THR G 128 -9.60 -7.75 -15.79
C THR G 128 -10.92 -7.50 -15.06
N LEU G 129 -12.00 -7.36 -15.82
CA LEU G 129 -13.29 -6.99 -15.22
C LEU G 129 -14.22 -8.18 -14.97
N MSE G 130 -13.78 -9.39 -15.27
CA MSE G 130 -14.61 -10.58 -15.07
C MSE G 130 -14.96 -10.77 -13.59
O MSE G 130 -14.07 -10.79 -12.74
CB MSE G 130 -13.92 -11.83 -15.60
CG MSE G 130 -13.85 -11.91 -17.12
SE MSE G 130 -13.21 -13.65 -17.73
CE MSE G 130 -13.00 -13.26 -19.63
N LYS G 131 -16.26 -10.92 -13.31
CA LYS G 131 -16.75 -11.13 -11.96
C LYS G 131 -16.31 -10.04 -11.00
N LEU H 8 27.89 20.31 20.13
CA LEU H 8 27.45 19.08 19.46
C LEU H 8 27.74 19.15 17.96
N ALA H 9 29.02 19.14 17.61
CA ALA H 9 29.44 19.20 16.21
C ALA H 9 28.90 18.01 15.41
N ASP H 10 28.41 17.00 16.13
CA ASP H 10 27.77 15.84 15.53
C ASP H 10 26.51 16.22 14.77
N LYS H 11 26.18 15.42 13.75
CA LYS H 11 24.95 15.55 12.94
C LYS H 11 24.81 16.94 12.29
N CYS H 12 25.93 17.64 12.16
CA CYS H 12 25.97 18.98 11.58
C CYS H 12 24.92 19.90 12.20
N LYS H 16 26.93 22.81 12.84
CA LYS H 16 27.06 24.13 12.22
C LYS H 16 27.88 25.07 13.09
N GLU H 17 27.93 24.76 14.38
CA GLU H 17 28.73 25.47 15.40
C GLU H 17 28.21 26.87 15.70
N THR H 18 27.36 27.40 14.82
CA THR H 18 26.60 28.62 15.08
C THR H 18 25.20 28.22 15.56
N ILE H 19 25.02 26.93 15.81
CA ILE H 19 23.73 26.35 16.20
C ILE H 19 23.11 27.07 17.39
N ARG H 20 23.91 27.87 18.09
CA ARG H 20 23.42 28.79 19.11
C ARG H 20 22.33 29.70 18.55
N TYR H 21 22.32 29.87 17.23
CA TYR H 21 21.24 30.55 16.54
C TYR H 21 19.89 29.95 16.95
N TYR H 22 19.80 28.63 16.89
CA TYR H 22 18.60 27.92 17.35
C TYR H 22 18.33 28.22 18.81
N GLU H 23 19.39 28.29 19.61
CA GLU H 23 19.27 28.61 21.02
C GLU H 23 18.72 30.01 21.20
N ARG H 24 18.98 30.88 20.22
CA ARG H 24 18.46 32.23 20.24
C ARG H 24 17.00 32.25 19.80
N LEU H 25 16.61 31.26 19.00
CA LEU H 25 15.24 31.17 18.51
C LEU H 25 14.34 30.43 19.50
N GLY H 26 14.97 29.79 20.50
CA GLY H 26 14.23 29.08 21.52
C GLY H 26 13.95 27.63 21.13
N LEU H 27 14.51 27.21 20.00
CA LEU H 27 14.31 25.85 19.53
C LEU H 27 15.03 24.85 20.42
N ILE H 28 16.15 25.26 20.99
CA ILE H 28 16.93 24.42 21.88
C ILE H 28 17.18 25.14 23.22
N PRO H 29 17.06 24.42 24.34
CA PRO H 29 17.34 25.00 25.65
C PRO H 29 18.83 25.20 25.89
N GLU H 30 19.19 26.24 26.64
CA GLU H 30 20.59 26.54 26.93
C GLU H 30 21.18 25.51 27.89
N GLN H 44 19.15 13.77 24.14
CA GLN H 44 17.83 14.34 23.85
C GLN H 44 17.96 15.56 22.95
N THR H 45 18.90 16.45 23.29
CA THR H 45 19.14 17.65 22.51
C THR H 45 19.70 17.28 21.14
N VAL H 46 20.38 16.14 21.06
CA VAL H 46 20.90 15.65 19.79
C VAL H 46 19.76 15.20 18.87
N ASP H 47 18.82 14.45 19.42
CA ASP H 47 17.66 13.98 18.66
C ASP H 47 16.77 15.16 18.29
N ARG H 48 16.74 16.16 19.17
CA ARG H 48 15.96 17.38 18.95
C ARG H 48 16.55 18.18 17.80
N LEU H 49 17.88 18.33 17.78
CA LEU H 49 18.54 19.04 16.70
C LEU H 49 18.37 18.30 15.38
N HIS H 50 18.56 16.98 15.42
CA HIS H 50 18.36 16.17 14.22
C HIS H 50 16.94 16.34 13.71
N PHE H 51 16.00 16.44 14.64
CA PHE H 51 14.61 16.69 14.29
C PHE H 51 14.47 18.02 13.55
N ILE H 52 14.97 19.10 14.15
CA ILE H 52 14.89 20.42 13.54
C ILE H 52 15.52 20.46 12.14
N LYS H 53 16.74 19.96 12.04
CA LYS H 53 17.48 19.94 10.79
C LYS H 53 16.76 19.15 9.71
N ARG H 54 16.36 17.92 10.05
CA ARG H 54 15.70 17.05 9.08
C ARG H 54 14.36 17.61 8.64
N MSE H 55 13.60 18.15 9.59
CA MSE H 55 12.32 18.78 9.29
C MSE H 55 12.52 19.95 8.33
O MSE H 55 11.73 20.17 7.42
CB MSE H 55 11.63 19.26 10.56
CG MSE H 55 11.07 18.15 11.43
SE MSE H 55 9.52 17.26 10.65
CE MSE H 55 8.24 18.71 10.84
N GLN H 56 13.59 20.72 8.57
CA GLN H 56 13.90 21.86 7.73
C GLN H 56 14.31 21.41 6.33
N GLU H 57 14.99 20.27 6.25
CA GLU H 57 15.39 19.71 4.95
C GLU H 57 14.19 19.21 4.16
N LEU H 58 13.13 18.83 4.87
CA LEU H 58 11.96 18.24 4.24
C LEU H 58 10.89 19.29 3.91
N GLY H 59 11.23 20.56 4.11
CA GLY H 59 10.38 21.65 3.67
C GLY H 59 9.59 22.38 4.74
N PHE H 60 9.88 22.09 6.01
CA PHE H 60 9.20 22.78 7.11
C PHE H 60 9.95 24.03 7.54
N THR H 61 9.22 25.12 7.73
CA THR H 61 9.81 26.37 8.22
C THR H 61 10.12 26.27 9.71
N LEU H 62 11.02 27.13 10.18
CA LEU H 62 11.43 27.14 11.58
C LEU H 62 10.28 27.46 12.52
N ASN H 63 9.33 28.26 12.04
CA ASN H 63 8.16 28.60 12.84
C ASN H 63 7.25 27.40 13.04
N GLU H 64 7.06 26.62 11.99
CA GLU H 64 6.27 25.40 12.06
C GLU H 64 6.93 24.38 12.99
N ILE H 65 8.24 24.23 12.83
CA ILE H 65 9.04 23.35 13.68
C ILE H 65 8.91 23.77 15.16
N ASP H 66 8.97 25.07 15.40
CA ASP H 66 8.81 25.61 16.74
C ASP H 66 7.42 25.31 17.28
N LYS H 67 6.42 25.40 16.42
CA LYS H 67 5.04 25.12 16.80
C LYS H 67 4.87 23.66 17.20
N LEU H 68 5.55 22.77 16.49
CA LEU H 68 5.51 21.35 16.82
C LEU H 68 6.29 21.07 18.09
N LEU H 69 7.38 21.81 18.31
CA LEU H 69 8.18 21.64 19.51
C LEU H 69 7.47 22.21 20.74
N GLY H 70 6.47 23.06 20.50
CA GLY H 70 5.64 23.57 21.57
C GLY H 70 4.85 22.45 22.24
N VAL H 71 4.54 21.42 21.47
CA VAL H 71 3.86 20.24 22.00
C VAL H 71 4.75 19.49 22.97
N VAL H 72 6.03 19.38 22.62
CA VAL H 72 7.00 18.68 23.46
C VAL H 72 7.26 19.42 24.75
N ASP H 73 7.28 20.75 24.68
CA ASP H 73 7.59 21.59 25.84
C ASP H 73 6.34 21.95 26.63
N ARG H 74 5.20 21.40 26.22
CA ARG H 74 3.92 21.66 26.87
C ARG H 74 3.59 23.15 26.92
N ASP H 75 3.79 23.82 25.79
CA ASP H 75 3.51 25.25 25.71
C ASP H 75 2.09 25.47 25.19
N GLU H 76 1.22 25.97 26.05
CA GLU H 76 -0.20 26.15 25.71
C GLU H 76 -0.39 27.16 24.59
N ALA H 77 0.49 28.17 24.55
CA ALA H 77 0.34 29.28 23.60
C ALA H 77 0.49 28.83 22.15
N LYS H 78 1.58 28.15 21.85
CA LYS H 78 1.89 27.77 20.47
C LYS H 78 1.29 26.42 20.10
N CYS H 79 0.51 25.85 21.02
CA CYS H 79 -0.19 24.58 20.75
C CYS H 79 -1.60 24.82 20.22
N ARG H 80 -1.94 26.08 19.96
CA ARG H 80 -3.24 26.40 19.39
C ARG H 80 -3.11 27.38 18.22
N ASP H 81 -3.83 27.12 17.13
CA ASP H 81 -4.70 25.96 17.02
C ASP H 81 -4.01 24.84 16.24
N MSE H 82 -3.72 23.74 16.91
CA MSE H 82 -3.00 22.62 16.30
C MSE H 82 -3.79 21.93 15.20
O MSE H 82 -3.21 21.38 14.26
CB MSE H 82 -2.61 21.58 17.37
CG MSE H 82 -1.28 21.84 18.04
SE MSE H 82 0.20 22.04 16.78
CE MSE H 82 -0.17 20.52 15.64
N TYR H 83 -5.11 21.93 15.33
CA TYR H 83 -5.98 21.19 14.42
C TYR H 83 -5.84 21.65 12.97
N ASP H 84 -6.07 22.95 12.75
CA ASP H 84 -5.97 23.53 11.41
C ASP H 84 -4.57 23.34 10.82
N PHE H 85 -3.57 23.53 11.67
CA PHE H 85 -2.18 23.33 11.28
C PHE H 85 -1.97 21.92 10.75
N THR H 86 -2.46 20.93 11.50
CA THR H 86 -2.36 19.54 11.09
C THR H 86 -3.09 19.30 9.78
N ILE H 87 -4.28 19.88 9.62
CA ILE H 87 -5.02 19.72 8.36
C ILE H 87 -4.18 20.20 7.18
N LEU H 88 -3.70 21.43 7.27
CA LEU H 88 -2.85 22.03 6.24
C LEU H 88 -1.65 21.15 5.89
N LYS H 89 -0.87 20.82 6.93
CA LYS H 89 0.36 20.06 6.75
C LYS H 89 0.12 18.68 6.17
N ILE H 90 -0.84 17.95 6.73
CA ILE H 90 -1.23 16.63 6.23
C ILE H 90 -1.60 16.70 4.76
N GLU H 91 -2.32 17.76 4.39
CA GLU H 91 -2.75 17.98 3.01
C GLU H 91 -1.55 18.12 2.05
N ASP H 92 -0.74 19.15 2.32
CA ASP H 92 0.44 19.44 1.50
C ASP H 92 1.36 18.23 1.38
N ILE H 93 1.61 17.60 2.52
CA ILE H 93 2.47 16.43 2.60
C ILE H 93 1.91 15.26 1.79
N GLN H 94 0.60 15.06 1.85
CA GLN H 94 -0.03 13.98 1.10
C GLN H 94 0.22 14.15 -0.40
N ARG H 95 -0.06 15.36 -0.90
CA ARG H 95 0.25 15.68 -2.31
C ARG H 95 1.69 15.43 -2.69
N LYS H 96 2.59 15.93 -1.84
CA LYS H 96 4.01 15.80 -2.05
C LYS H 96 4.39 14.33 -2.17
N ILE H 97 3.82 13.51 -1.28
CA ILE H 97 4.11 12.08 -1.26
C ILE H 97 3.62 11.40 -2.53
N GLU H 98 2.41 11.74 -2.96
CA GLU H 98 1.86 11.18 -4.20
C GLU H 98 2.78 11.49 -5.38
N ASP H 99 3.12 12.77 -5.54
CA ASP H 99 4.01 13.20 -6.61
C ASP H 99 5.35 12.48 -6.55
N LEU H 100 5.94 12.41 -5.36
CA LEU H 100 7.24 11.76 -5.17
C LEU H 100 7.20 10.28 -5.54
N LYS H 101 6.09 9.62 -5.19
CA LYS H 101 5.92 8.22 -5.56
C LYS H 101 5.88 8.05 -7.07
N ARG H 102 5.09 8.89 -7.74
CA ARG H 102 5.02 8.82 -9.20
C ARG H 102 6.39 9.06 -9.84
N ILE H 103 7.14 10.02 -9.31
CA ILE H 103 8.47 10.32 -9.82
C ILE H 103 9.44 9.14 -9.60
N GLU H 104 9.31 8.48 -8.45
CA GLU H 104 10.14 7.31 -8.17
C GLU H 104 9.85 6.20 -9.17
N ARG H 105 8.56 5.98 -9.45
CA ARG H 105 8.18 5.00 -10.46
C ARG H 105 8.74 5.38 -11.83
N MSE H 106 8.77 6.68 -12.11
CA MSE H 106 9.36 7.18 -13.34
C MSE H 106 10.84 6.82 -13.43
O MSE H 106 11.30 6.30 -14.45
CB MSE H 106 9.20 8.69 -13.46
CG MSE H 106 9.90 9.29 -14.66
SE MSE H 106 10.22 11.21 -14.52
CE MSE H 106 11.72 11.18 -13.27
N LEU H 107 11.58 7.08 -12.36
CA LEU H 107 13.01 6.80 -12.32
C LEU H 107 13.30 5.31 -12.42
N MSE H 108 12.42 4.49 -11.85
CA MSE H 108 12.56 3.04 -11.97
C MSE H 108 12.33 2.60 -13.42
O MSE H 108 13.06 1.76 -13.94
CB MSE H 108 11.59 2.32 -11.04
CG MSE H 108 11.98 2.39 -9.57
SE MSE H 108 10.58 1.68 -8.41
CE MSE H 108 11.55 1.70 -6.72
N ASP H 109 11.31 3.18 -14.04
CA ASP H 109 11.03 2.91 -15.45
C ASP H 109 12.23 3.26 -16.31
N LEU H 110 12.84 4.42 -16.04
CA LEU H 110 14.00 4.88 -16.78
C LEU H 110 15.20 3.98 -16.53
N LYS H 111 15.30 3.46 -15.31
CA LYS H 111 16.40 2.58 -14.91
C LYS H 111 16.32 1.23 -15.62
N GLU H 112 15.12 0.69 -15.73
CA GLU H 112 14.91 -0.60 -16.36
C GLU H 112 15.21 -0.58 -17.87
N ARG H 113 15.25 0.61 -18.45
CA ARG H 113 15.49 0.76 -19.87
C ARG H 113 16.99 0.86 -20.19
N CYS H 114 17.82 0.81 -19.14
CA CYS H 114 19.27 0.82 -19.30
C CYS H 114 19.82 -0.60 -19.40
N PRO H 115 20.84 -0.79 -20.24
CA PRO H 115 21.48 -2.11 -20.38
C PRO H 115 22.11 -2.61 -19.07
N GLU H 116 22.75 -1.71 -18.33
CA GLU H 116 23.39 -2.08 -17.06
C GLU H 116 22.40 -2.74 -16.12
N ASN H 117 21.11 -2.46 -16.30
CA ASN H 117 20.08 -3.00 -15.44
C ASN H 117 19.91 -4.51 -15.56
N LYS H 118 20.31 -5.09 -16.68
CA LYS H 118 20.22 -6.56 -16.79
C LYS H 118 21.54 -7.24 -16.45
N ASP H 119 22.55 -6.46 -16.10
CA ASP H 119 23.84 -7.00 -15.67
C ASP H 119 23.84 -7.23 -14.17
N ILE H 120 24.15 -8.46 -13.75
CA ILE H 120 24.08 -8.85 -12.36
C ILE H 120 25.11 -8.10 -11.49
N TYR H 121 26.25 -7.75 -12.10
CA TYR H 121 27.31 -7.06 -11.37
C TYR H 121 27.00 -5.58 -11.18
N GLU H 122 25.97 -5.11 -11.88
CA GLU H 122 25.56 -3.71 -11.79
C GLU H 122 24.44 -3.50 -10.78
N CYS H 123 24.07 -4.55 -10.06
CA CYS H 123 23.01 -4.46 -9.06
C CYS H 123 23.44 -3.59 -7.88
N PRO H 124 22.60 -2.60 -7.54
CA PRO H 124 22.88 -1.65 -6.44
C PRO H 124 22.72 -2.29 -5.07
N ILE H 125 23.74 -3.02 -4.64
CA ILE H 125 23.68 -3.77 -3.38
C ILE H 125 23.78 -2.86 -2.16
N ILE H 126 24.93 -2.23 -1.98
CA ILE H 126 25.19 -1.41 -0.79
C ILE H 126 24.28 -0.18 -0.74
N GLU H 127 24.07 0.44 -1.91
CA GLU H 127 23.26 1.65 -2.03
C GLU H 127 21.89 1.51 -1.39
N THR H 128 21.40 0.28 -1.32
CA THR H 128 20.12 -0.03 -0.69
C THR H 128 20.02 0.53 0.72
N LEU H 129 21.08 0.35 1.51
CA LEU H 129 21.02 0.65 2.93
C LEU H 129 21.56 2.01 3.36
N MSE H 130 21.96 2.86 2.42
CA MSE H 130 22.62 4.12 2.80
C MSE H 130 21.68 5.27 3.12
O MSE H 130 21.47 5.60 4.29
CB MSE H 130 23.56 4.56 1.68
CG MSE H 130 24.95 4.91 2.18
SE MSE H 130 26.10 3.35 2.16
CE MSE H 130 26.19 3.11 0.22
N LYS H 131 21.08 5.86 2.09
CA LYS H 131 20.29 7.08 2.26
C LYS H 131 19.54 7.45 0.97
#